data_6LIL
#
_entry.id   6LIL
#
_cell.length_a   52.778
_cell.length_b   52.839
_cell.length_c   92.145
_cell.angle_alpha   88.200
_cell.angle_beta   78.000
_cell.angle_gamma   60.930
#
_symmetry.space_group_name_H-M   'P 1'
#
loop_
_entity.id
_entity.type
_entity.pdbx_description
1 polymer '[Pyruvate dehydrogenase (acetyl-transferring)] kinase isozyme 2, mitochondrial'
2 non-polymer 'CITRATE ANION'
3 non-polymer DI(HYDROXYETHYL)ETHER
4 non-polymer GLYCEROL
5 non-polymer 'SULFATE ION'
6 non-polymer 1-(1-piperidin-4-ylpyrazol-4-yl)anthracene-9,10-dione
7 water water
#
_entity_poly.entity_id   1
_entity_poly.type   'polypeptide(L)'
_entity_poly.pdbx_seq_one_letter_code
;MAGSHHHHHHGMASMTGGQQMGRSGDDDDKALLKNASLAGAPKYIEHFSKFSPSPLSMKQFLDFGSSNACEKTSFTFLRQ
ELPVRLANIMKEINLLPDRVLSTPSVQLVQSWYVQSLLDIMEFLDKDPEDHRTLSQFTDALVTIRNRHNDVVPTMAQGVL
EYKDTYGDDPVSNQNIQYFLDRFYLSRISIRMLINQHTLIFDGSTNPAHPKHIGSIDPNCNVSEVVKDAYDMAKLLCDKY
YMASPDLEIQEINAANSKQPIHMVYVPSHLYHMLFELFKNAMRATVESHESSLILPPIKVMVALGEEDLSIKMSDRGGGV
PLRKIERLFSYMYSTAPTPQPGTGGTPLAGFGYGLPISRLYAKYFQGDLQLFSMEGFGTDAVIYLKALSTDSVERLPVYN
KSAWRHYQTIQ
;
_entity_poly.pdbx_strand_id   A,B
#
loop_
_chem_comp.id
_chem_comp.type
_chem_comp.name
_chem_comp.formula
EGX non-polymer 1-(1-piperidin-4-ylpyrazol-4-yl)anthracene-9,10-dione 'C22 H19 N3 O2'
FLC non-polymer 'CITRATE ANION' 'C6 H5 O7 -3'
GOL non-polymer GLYCEROL 'C3 H8 O3'
PEG non-polymer DI(HYDROXYETHYL)ETHER 'C4 H10 O3'
SO4 non-polymer 'SULFATE ION' 'O4 S -2'
#
# COMPACT_ATOMS: atom_id res chain seq x y z
N GLY A 40 5.84 -44.66 6.02
CA GLY A 40 6.54 -44.11 7.22
C GLY A 40 6.58 -42.59 7.23
N ALA A 41 6.74 -41.99 6.04
CA ALA A 41 6.85 -40.53 5.82
C ALA A 41 5.47 -39.89 5.70
N PRO A 42 4.54 -40.39 4.86
CA PRO A 42 3.19 -39.82 4.82
C PRO A 42 2.47 -39.96 6.18
N LYS A 43 2.83 -41.00 6.95
CA LYS A 43 2.37 -41.28 8.35
C LYS A 43 2.90 -40.23 9.32
N TYR A 44 4.22 -39.98 9.31
CA TYR A 44 4.90 -38.97 10.16
C TYR A 44 4.29 -37.58 9.84
N ILE A 45 4.12 -37.24 8.57
CA ILE A 45 3.60 -35.90 8.12
C ILE A 45 2.16 -35.72 8.64
N GLU A 46 1.33 -36.76 8.57
CA GLU A 46 -0.08 -36.68 9.03
C GLU A 46 -0.06 -36.46 10.55
N HIS A 47 0.77 -37.21 11.29
CA HIS A 47 0.83 -37.15 12.77
C HIS A 47 1.22 -35.72 13.19
N PHE A 48 2.30 -35.18 12.62
CA PHE A 48 2.89 -33.88 13.05
C PHE A 48 2.09 -32.69 12.52
N SER A 49 1.35 -32.84 11.42
CA SER A 49 0.52 -31.75 10.85
C SER A 49 -0.78 -31.60 11.67
N LYS A 50 -1.07 -32.51 12.60
CA LYS A 50 -2.17 -32.33 13.59
C LYS A 50 -1.83 -31.15 14.51
N PHE A 51 -0.56 -30.80 14.66
CA PHE A 51 -0.11 -29.72 15.57
C PHE A 51 0.07 -28.43 14.75
N SER A 52 -0.06 -27.27 15.40
CA SER A 52 0.21 -25.94 14.83
C SER A 52 1.57 -25.44 15.30
N PRO A 53 2.40 -24.88 14.39
CA PRO A 53 3.65 -24.22 14.78
C PRO A 53 3.40 -23.21 15.92
N SER A 54 4.30 -23.13 16.89
CA SER A 54 4.19 -22.20 18.03
C SER A 54 5.03 -20.96 17.76
N PRO A 55 4.41 -19.80 17.55
CA PRO A 55 5.14 -18.54 17.38
C PRO A 55 5.97 -18.20 18.63
N LEU A 56 7.25 -17.89 18.45
CA LEU A 56 8.17 -17.57 19.56
C LEU A 56 8.40 -16.05 19.55
N SER A 57 8.59 -15.47 20.72
CA SER A 57 8.78 -14.00 20.88
C SER A 57 10.27 -13.72 20.99
N MET A 58 10.70 -12.50 20.69
CA MET A 58 12.09 -12.05 20.99
C MET A 58 12.48 -12.36 22.45
N LYS A 59 11.60 -12.14 23.44
CA LYS A 59 11.96 -12.38 24.88
C LYS A 59 12.31 -13.86 25.05
N GLN A 60 11.58 -14.77 24.39
CA GLN A 60 11.83 -16.23 24.51
C GLN A 60 13.17 -16.56 23.86
N PHE A 61 13.45 -16.03 22.66
CA PHE A 61 14.77 -16.28 22.01
C PHE A 61 15.90 -15.83 22.96
N LEU A 62 15.82 -14.60 23.50
CA LEU A 62 16.88 -14.06 24.40
C LEU A 62 16.99 -14.93 25.67
N ASP A 63 15.87 -15.22 26.34
CA ASP A 63 15.82 -16.05 27.57
C ASP A 63 16.46 -17.40 27.31
N PHE A 64 16.12 -18.08 26.22
CA PHE A 64 16.62 -19.46 25.95
C PHE A 64 18.05 -19.47 25.37
N GLY A 65 18.64 -18.33 25.00
CA GLY A 65 20.07 -18.24 24.61
C GLY A 65 20.92 -17.49 25.65
N SER A 66 20.36 -17.24 26.83
CA SER A 66 20.91 -16.41 27.94
C SER A 66 21.92 -17.21 28.80
N SER A 67 22.28 -16.62 29.95
CA SER A 67 22.98 -17.25 31.10
C SER A 67 22.40 -18.63 31.38
N ASN A 68 21.07 -18.73 31.47
CA ASN A 68 20.37 -19.98 31.87
C ASN A 68 20.23 -20.94 30.68
N ALA A 69 20.80 -20.65 29.51
CA ALA A 69 20.67 -21.49 28.30
C ALA A 69 20.99 -22.94 28.67
N CYS A 70 20.02 -23.84 28.48
CA CYS A 70 20.17 -25.30 28.66
C CYS A 70 19.98 -25.98 27.30
N GLU A 71 21.01 -26.63 26.80
CA GLU A 71 21.01 -27.37 25.52
C GLU A 71 19.98 -28.50 25.55
N LYS A 72 19.82 -29.16 26.69
CA LYS A 72 18.83 -30.28 26.86
C LYS A 72 17.42 -29.70 26.63
N THR A 73 17.16 -28.48 27.07
CA THR A 73 15.83 -27.83 26.92
C THR A 73 15.61 -27.51 25.44
N SER A 74 16.60 -26.90 24.79
CA SER A 74 16.55 -26.60 23.33
C SER A 74 16.29 -27.90 22.57
N PHE A 75 17.06 -28.95 22.83
CA PHE A 75 16.84 -30.30 22.21
C PHE A 75 15.39 -30.79 22.39
N THR A 76 14.87 -30.88 23.62
CA THR A 76 13.51 -31.46 23.87
C THR A 76 12.45 -30.55 23.22
N PHE A 77 12.66 -29.24 23.15
CA PHE A 77 11.76 -28.36 22.40
C PHE A 77 11.83 -28.65 20.89
N LEU A 78 13.01 -28.60 20.29
CA LEU A 78 13.18 -28.62 18.81
C LEU A 78 12.84 -30.02 18.27
N ARG A 79 12.93 -31.07 19.05
CA ARG A 79 12.65 -32.41 18.48
C ARG A 79 11.13 -32.58 18.38
N GLN A 80 10.35 -31.67 18.97
CA GLN A 80 8.89 -31.59 18.72
C GLN A 80 8.59 -30.48 17.72
N GLU A 81 9.09 -29.26 17.94
CA GLU A 81 8.72 -28.07 17.14
C GLU A 81 9.21 -28.24 15.68
N LEU A 82 10.41 -28.77 15.43
CA LEU A 82 10.93 -28.81 14.04
C LEU A 82 10.11 -29.79 13.20
N PRO A 83 9.79 -31.02 13.66
CA PRO A 83 8.87 -31.88 12.92
C PRO A 83 7.50 -31.21 12.67
N VAL A 84 6.97 -30.50 13.66
CA VAL A 84 5.68 -29.77 13.48
C VAL A 84 5.85 -28.77 12.34
N ARG A 85 6.93 -27.99 12.33
CA ARG A 85 7.14 -26.96 11.28
C ARG A 85 7.45 -27.62 9.93
N LEU A 86 8.23 -28.69 9.91
CA LEU A 86 8.50 -29.42 8.64
C LEU A 86 7.19 -30.01 8.10
N ALA A 87 6.37 -30.66 8.92
CA ALA A 87 5.12 -31.28 8.44
C ALA A 87 4.18 -30.19 7.88
N ASN A 88 4.13 -29.03 8.53
N ASN A 88 4.13 -29.03 8.55
CA ASN A 88 3.21 -27.96 8.10
CA ASN A 88 3.33 -27.85 8.13
C ASN A 88 3.72 -27.38 6.75
C ASN A 88 3.73 -27.40 6.73
N ILE A 89 5.03 -27.35 6.45
CA ILE A 89 5.54 -26.76 5.17
C ILE A 89 5.32 -27.81 4.06
N MET A 90 5.51 -29.09 4.40
CA MET A 90 5.26 -30.22 3.46
C MET A 90 3.77 -30.30 3.11
N LYS A 91 2.86 -30.01 4.04
CA LYS A 91 1.41 -29.84 3.73
C LYS A 91 1.23 -28.64 2.80
N GLU A 92 1.86 -27.51 3.11
CA GLU A 92 1.80 -26.29 2.27
C GLU A 92 2.23 -26.66 0.84
N ILE A 93 3.27 -27.48 0.67
CA ILE A 93 3.80 -27.84 -0.68
C ILE A 93 2.74 -28.68 -1.40
N ASN A 94 2.04 -29.57 -0.68
CA ASN A 94 0.95 -30.43 -1.26
C ASN A 94 -0.29 -29.61 -1.62
N LEU A 95 -0.38 -28.32 -1.27
CA LEU A 95 -1.49 -27.40 -1.67
C LEU A 95 -1.17 -26.75 -3.04
N LEU A 96 -0.04 -27.11 -3.65
CA LEU A 96 0.31 -26.67 -5.03
C LEU A 96 -0.48 -27.54 -6.01
N PRO A 97 -0.90 -26.99 -7.16
CA PRO A 97 -1.51 -27.81 -8.21
C PRO A 97 -0.57 -28.95 -8.62
N ASP A 98 -1.14 -30.08 -9.01
CA ASP A 98 -0.43 -31.35 -9.36
C ASP A 98 0.65 -31.07 -10.42
N ARG A 99 0.42 -30.12 -11.34
CA ARG A 99 1.36 -29.83 -12.44
C ARG A 99 2.62 -29.12 -11.92
N VAL A 100 2.53 -28.32 -10.85
CA VAL A 100 3.73 -27.65 -10.25
C VAL A 100 4.47 -28.69 -9.40
N LEU A 101 3.71 -29.50 -8.66
CA LEU A 101 4.17 -30.52 -7.69
C LEU A 101 4.96 -31.60 -8.41
N SER A 102 4.64 -31.91 -9.66
CA SER A 102 5.26 -33.03 -10.42
C SER A 102 6.53 -32.56 -11.16
N THR A 103 6.87 -31.26 -11.12
CA THR A 103 8.12 -30.77 -11.74
C THR A 103 9.29 -31.42 -11.02
N PRO A 104 10.40 -31.74 -11.71
CA PRO A 104 11.57 -32.32 -11.07
C PRO A 104 12.11 -31.46 -9.90
N SER A 105 12.17 -30.14 -10.07
CA SER A 105 12.71 -29.23 -9.02
C SER A 105 11.83 -29.26 -7.76
N VAL A 106 10.50 -29.20 -7.88
CA VAL A 106 9.63 -29.25 -6.68
C VAL A 106 9.74 -30.64 -6.02
N GLN A 107 9.79 -31.72 -6.80
CA GLN A 107 9.94 -33.10 -6.25
C GLN A 107 11.29 -33.19 -5.49
N LEU A 108 12.35 -32.59 -6.01
CA LEU A 108 13.67 -32.56 -5.33
C LEU A 108 13.51 -31.84 -3.97
N VAL A 109 12.91 -30.65 -3.96
CA VAL A 109 12.70 -29.87 -2.70
C VAL A 109 11.87 -30.73 -1.74
N GLN A 110 10.78 -31.33 -2.19
CA GLN A 110 9.95 -32.23 -1.35
C GLN A 110 10.83 -33.34 -0.76
N SER A 111 11.70 -33.96 -1.56
CA SER A 111 12.58 -35.07 -1.08
C SER A 111 13.50 -34.55 0.04
N TRP A 112 14.00 -33.34 -0.05
CA TRP A 112 14.81 -32.75 1.04
C TRP A 112 13.99 -32.67 2.33
N TYR A 113 12.78 -32.12 2.28
CA TYR A 113 11.94 -31.93 3.48
C TYR A 113 11.68 -33.32 4.10
N VAL A 114 11.38 -34.32 3.28
CA VAL A 114 11.13 -35.72 3.75
C VAL A 114 12.37 -36.22 4.49
N GLN A 115 13.54 -36.14 3.87
CA GLN A 115 14.81 -36.63 4.48
C GLN A 115 15.06 -35.89 5.80
N SER A 116 14.77 -34.58 5.86
CA SER A 116 15.04 -33.76 7.07
C SER A 116 14.08 -34.20 8.18
N LEU A 117 12.80 -34.38 7.88
CA LEU A 117 11.84 -34.88 8.88
C LEU A 117 12.33 -36.25 9.43
N LEU A 118 12.73 -37.18 8.56
CA LEU A 118 13.21 -38.53 8.97
C LEU A 118 14.45 -38.39 9.86
N ASP A 119 15.39 -37.49 9.54
CA ASP A 119 16.60 -37.24 10.35
C ASP A 119 16.17 -36.88 11.78
N ILE A 120 15.19 -35.98 11.95
CA ILE A 120 14.77 -35.53 13.30
C ILE A 120 13.99 -36.65 14.01
N MET A 121 13.20 -37.45 13.28
CA MET A 121 12.46 -38.63 13.84
C MET A 121 13.41 -39.57 14.58
N GLU A 122 14.65 -39.71 14.13
CA GLU A 122 15.64 -40.64 14.77
C GLU A 122 15.92 -40.20 16.21
N PHE A 123 15.57 -38.97 16.63
CA PHE A 123 15.90 -38.44 17.97
C PHE A 123 14.73 -38.57 18.97
N LEU A 124 13.56 -39.04 18.55
CA LEU A 124 12.34 -39.01 19.41
C LEU A 124 12.50 -39.93 20.62
N ASP A 125 13.21 -41.06 20.47
CA ASP A 125 13.42 -42.08 21.54
C ASP A 125 14.73 -41.82 22.30
N LYS A 126 15.60 -40.96 21.77
CA LYS A 126 16.98 -40.75 22.30
C LYS A 126 16.93 -39.96 23.61
N ASP A 127 17.94 -40.18 24.46
CA ASP A 127 17.98 -39.69 25.86
C ASP A 127 18.62 -38.31 25.91
N PRO A 128 17.90 -37.26 26.36
CA PRO A 128 18.46 -35.92 26.50
C PRO A 128 19.61 -35.81 27.49
N GLU A 129 19.67 -36.74 28.46
CA GLU A 129 20.68 -36.77 29.55
C GLU A 129 22.02 -37.20 28.97
N ASP A 130 22.02 -37.92 27.84
CA ASP A 130 23.25 -38.37 27.13
C ASP A 130 23.77 -37.17 26.32
N HIS A 131 24.95 -36.64 26.66
CA HIS A 131 25.55 -35.47 25.96
C HIS A 131 25.83 -35.82 24.49
N ARG A 132 25.98 -37.11 24.13
CA ARG A 132 26.21 -37.52 22.73
C ARG A 132 24.92 -37.35 21.91
N THR A 133 23.74 -37.52 22.51
CA THR A 133 22.44 -37.22 21.85
C THR A 133 22.46 -35.77 21.38
N LEU A 134 22.84 -34.86 22.26
CA LEU A 134 22.82 -33.39 22.03
C LEU A 134 23.84 -33.08 20.93
N SER A 135 25.00 -33.73 20.93
CA SER A 135 26.05 -33.46 19.91
C SER A 135 25.60 -34.00 18.56
N GLN A 136 24.96 -35.18 18.55
CA GLN A 136 24.43 -35.77 17.31
C GLN A 136 23.33 -34.86 16.76
N PHE A 137 22.55 -34.26 17.64
CA PHE A 137 21.39 -33.44 17.25
C PHE A 137 21.91 -32.21 16.52
N THR A 138 22.88 -31.51 17.10
CA THR A 138 23.54 -30.34 16.48
C THR A 138 24.08 -30.74 15.10
N ASP A 139 24.78 -31.87 14.99
CA ASP A 139 25.36 -32.35 13.70
C ASP A 139 24.23 -32.52 12.67
N ALA A 140 23.12 -33.12 13.09
CA ALA A 140 21.92 -33.36 12.24
C ALA A 140 21.32 -32.01 11.79
N LEU A 141 21.23 -31.01 12.67
CA LEU A 141 20.66 -29.69 12.29
C LEU A 141 21.59 -29.01 11.28
N VAL A 142 22.92 -29.15 11.40
CA VAL A 142 23.87 -28.55 10.44
C VAL A 142 23.66 -29.22 9.07
N THR A 143 23.51 -30.54 9.05
CA THR A 143 23.25 -31.33 7.82
C THR A 143 21.96 -30.84 7.17
N ILE A 144 20.89 -30.66 7.95
CA ILE A 144 19.57 -30.20 7.41
C ILE A 144 19.77 -28.81 6.82
N ARG A 145 20.41 -27.91 7.54
CA ARG A 145 20.57 -26.51 7.09
C ARG A 145 21.30 -26.52 5.75
N ASN A 146 22.38 -27.31 5.62
CA ASN A 146 23.22 -27.40 4.41
C ASN A 146 22.39 -28.00 3.27
N ARG A 147 21.62 -29.05 3.55
CA ARG A 147 20.84 -29.76 2.51
C ARG A 147 19.86 -28.78 1.85
N HIS A 148 19.34 -27.84 2.63
CA HIS A 148 18.27 -26.89 2.19
C HIS A 148 18.87 -25.56 1.71
N ASN A 149 20.18 -25.45 1.54
CA ASN A 149 20.78 -24.14 1.21
C ASN A 149 20.18 -23.60 -0.09
N ASP A 150 19.85 -24.43 -1.08
CA ASP A 150 19.45 -23.92 -2.43
C ASP A 150 17.91 -24.00 -2.63
N VAL A 151 17.14 -24.09 -1.55
CA VAL A 151 15.66 -24.25 -1.68
C VAL A 151 15.12 -23.12 -2.53
N VAL A 152 15.51 -21.87 -2.29
CA VAL A 152 14.84 -20.70 -2.93
C VAL A 152 14.99 -20.79 -4.45
N PRO A 153 16.21 -20.79 -5.02
CA PRO A 153 16.36 -20.95 -6.47
C PRO A 153 15.87 -22.27 -7.07
N THR A 154 15.87 -23.37 -6.32
CA THR A 154 15.36 -24.68 -6.79
C THR A 154 13.83 -24.60 -6.93
N MET A 155 13.14 -24.07 -5.93
CA MET A 155 11.68 -23.85 -5.99
C MET A 155 11.40 -22.93 -7.20
N ALA A 156 12.23 -21.91 -7.45
CA ALA A 156 12.03 -20.98 -8.57
C ALA A 156 12.13 -21.76 -9.88
N GLN A 157 13.09 -22.67 -9.98
CA GLN A 157 13.30 -23.52 -11.17
C GLN A 157 12.04 -24.35 -11.45
N GLY A 158 11.35 -24.86 -10.43
CA GLY A 158 10.11 -25.65 -10.57
C GLY A 158 9.00 -24.82 -11.19
N VAL A 159 8.86 -23.58 -10.75
CA VAL A 159 7.91 -22.63 -11.38
C VAL A 159 8.27 -22.44 -12.88
N LEU A 160 9.54 -22.29 -13.26
CA LEU A 160 9.94 -22.20 -14.70
C LEU A 160 9.66 -23.52 -15.43
N GLU A 161 9.87 -24.67 -14.78
CA GLU A 161 9.61 -26.01 -15.40
C GLU A 161 8.11 -26.11 -15.72
N TYR A 162 7.28 -25.55 -14.86
CA TYR A 162 5.81 -25.50 -15.08
C TYR A 162 5.50 -24.68 -16.36
N LYS A 163 6.11 -23.51 -16.57
CA LYS A 163 5.93 -22.68 -17.82
C LYS A 163 6.45 -23.41 -19.06
N ASP A 164 7.62 -24.04 -18.99
CA ASP A 164 8.24 -24.72 -20.16
C ASP A 164 7.34 -25.87 -20.66
N THR A 165 6.39 -26.36 -19.85
CA THR A 165 5.57 -27.57 -20.15
C THR A 165 4.12 -27.19 -20.49
N TYR A 166 3.56 -26.11 -19.92
CA TYR A 166 2.13 -25.73 -20.03
C TYR A 166 2.03 -24.46 -20.88
N GLY A 167 3.12 -23.68 -20.90
CA GLY A 167 3.15 -22.28 -21.37
C GLY A 167 2.65 -21.31 -20.31
N ASP A 168 2.05 -21.83 -19.24
CA ASP A 168 1.00 -21.14 -18.43
C ASP A 168 1.56 -19.94 -17.66
N ASP A 169 1.18 -18.71 -18.05
CA ASP A 169 1.39 -17.47 -17.25
C ASP A 169 0.07 -16.73 -17.00
N PRO A 170 -1.10 -17.41 -16.79
CA PRO A 170 -2.37 -16.72 -16.63
C PRO A 170 -2.73 -16.38 -15.16
N VAL A 171 -3.78 -16.99 -14.60
CA VAL A 171 -4.49 -16.57 -13.35
C VAL A 171 -4.17 -17.54 -12.21
N SER A 172 -3.27 -18.51 -12.45
CA SER A 172 -2.74 -19.45 -11.44
C SER A 172 -1.60 -18.78 -10.65
N ASN A 173 -1.10 -17.65 -11.17
CA ASN A 173 0.06 -16.87 -10.65
C ASN A 173 -0.26 -16.35 -9.24
N GLN A 174 -1.50 -15.92 -8.99
CA GLN A 174 -1.96 -15.45 -7.65
C GLN A 174 -1.88 -16.63 -6.67
N ASN A 175 -2.24 -17.85 -7.10
CA ASN A 175 -2.17 -19.06 -6.24
C ASN A 175 -0.70 -19.37 -5.93
N ILE A 176 0.16 -19.31 -6.95
CA ILE A 176 1.61 -19.58 -6.79
C ILE A 176 2.18 -18.53 -5.82
N GLN A 177 2.00 -17.23 -6.09
CA GLN A 177 2.39 -16.09 -5.21
C GLN A 177 1.99 -16.35 -3.75
N TYR A 178 0.74 -16.75 -3.52
CA TYR A 178 0.15 -16.98 -2.18
C TYR A 178 0.90 -18.13 -1.48
N PHE A 179 1.09 -19.23 -2.19
CA PHE A 179 1.80 -20.44 -1.69
C PHE A 179 3.27 -20.11 -1.44
N LEU A 180 3.94 -19.44 -2.37
CA LEU A 180 5.39 -19.20 -2.22
C LEU A 180 5.65 -18.28 -1.02
N ASP A 181 4.81 -17.27 -0.80
CA ASP A 181 4.95 -16.41 0.40
C ASP A 181 4.91 -17.29 1.63
N ARG A 182 3.94 -18.19 1.71
CA ARG A 182 3.72 -19.01 2.91
C ARG A 182 4.89 -20.00 3.05
N PHE A 183 5.32 -20.58 1.93
CA PHE A 183 6.42 -21.57 1.89
C PHE A 183 7.73 -20.90 2.35
N TYR A 184 8.11 -19.76 1.76
CA TYR A 184 9.42 -19.12 2.01
C TYR A 184 9.45 -18.55 3.44
N LEU A 185 8.34 -18.03 3.94
CA LEU A 185 8.26 -17.50 5.32
C LEU A 185 8.39 -18.65 6.32
N SER A 186 7.67 -19.76 6.09
CA SER A 186 7.80 -20.96 6.95
C SER A 186 9.27 -21.39 7.00
N ARG A 187 9.93 -21.36 5.85
CA ARG A 187 11.35 -21.75 5.76
C ARG A 187 12.22 -20.75 6.56
N ILE A 188 12.00 -19.44 6.45
CA ILE A 188 12.76 -18.43 7.26
C ILE A 188 12.65 -18.81 8.74
N SER A 189 11.46 -19.19 9.18
CA SER A 189 11.19 -19.54 10.60
C SER A 189 11.95 -20.82 10.99
N ILE A 190 12.05 -21.83 10.11
CA ILE A 190 12.75 -23.11 10.45
C ILE A 190 14.24 -22.81 10.54
N ARG A 191 14.76 -22.01 9.61
CA ARG A 191 16.21 -21.68 9.59
C ARG A 191 16.56 -20.82 10.81
N MET A 192 15.65 -19.94 11.24
CA MET A 192 15.87 -19.12 12.46
C MET A 192 16.05 -20.07 13.67
N LEU A 193 15.17 -21.07 13.85
CA LEU A 193 15.27 -22.01 15.00
C LEU A 193 16.59 -22.80 14.92
N ILE A 194 16.94 -23.30 13.74
CA ILE A 194 18.19 -24.11 13.58
C ILE A 194 19.40 -23.21 13.85
N ASN A 195 19.41 -21.98 13.31
CA ASN A 195 20.54 -21.04 13.50
C ASN A 195 20.70 -20.73 14.99
N GLN A 196 19.60 -20.53 15.73
CA GLN A 196 19.69 -20.22 17.17
C GLN A 196 20.37 -21.37 17.89
N HIS A 197 19.94 -22.61 17.65
CA HIS A 197 20.49 -23.78 18.35
C HIS A 197 21.98 -23.94 18.02
N THR A 198 22.38 -23.88 16.75
CA THR A 198 23.78 -24.19 16.32
C THR A 198 24.70 -23.04 16.74
N LEU A 199 24.27 -21.79 16.63
CA LEU A 199 25.10 -20.67 17.07
C LEU A 199 25.26 -20.66 18.60
N ILE A 200 24.25 -21.01 19.38
CA ILE A 200 24.36 -20.94 20.86
C ILE A 200 25.13 -22.17 21.36
N PHE A 201 24.84 -23.36 20.85
CA PHE A 201 25.30 -24.62 21.49
C PHE A 201 26.44 -25.31 20.72
N ASP A 202 26.86 -24.83 19.56
CA ASP A 202 28.00 -25.42 18.81
C ASP A 202 29.23 -24.53 18.97
N GLY A 203 30.32 -25.10 19.48
CA GLY A 203 31.58 -24.38 19.74
C GLY A 203 32.56 -25.24 20.53
N HIS A 209 29.78 -10.32 16.86
CA HIS A 209 30.17 -11.75 17.04
C HIS A 209 29.79 -12.23 18.44
N PRO A 210 30.48 -11.75 19.52
CA PRO A 210 30.38 -12.38 20.83
C PRO A 210 29.32 -11.87 21.82
N LYS A 211 28.74 -10.69 21.59
CA LYS A 211 27.66 -10.12 22.43
C LYS A 211 26.28 -10.61 21.94
N HIS A 212 26.25 -11.31 20.80
CA HIS A 212 25.01 -11.82 20.15
C HIS A 212 24.48 -13.01 20.93
N ILE A 213 23.15 -13.18 20.94
CA ILE A 213 22.50 -14.41 21.45
C ILE A 213 22.08 -15.24 20.23
N GLY A 214 22.91 -16.21 19.85
CA GLY A 214 22.83 -16.84 18.52
C GLY A 214 22.90 -15.78 17.41
N SER A 215 21.87 -15.67 16.57
CA SER A 215 21.83 -14.72 15.41
C SER A 215 21.22 -13.39 15.84
N ILE A 216 20.81 -13.26 17.09
CA ILE A 216 20.16 -12.00 17.58
C ILE A 216 21.20 -11.09 18.21
N ASP A 217 21.17 -9.82 17.82
CA ASP A 217 21.95 -8.75 18.47
C ASP A 217 20.97 -7.94 19.29
N PRO A 218 21.04 -8.02 20.63
CA PRO A 218 20.15 -7.24 21.51
C PRO A 218 20.43 -5.74 21.46
N ASN A 219 21.56 -5.32 20.90
CA ASN A 219 21.96 -3.89 20.80
C ASN A 219 22.28 -3.59 19.34
N CYS A 220 21.43 -4.07 18.42
CA CYS A 220 21.67 -3.97 16.97
C CYS A 220 21.64 -2.49 16.59
N ASN A 221 22.79 -1.95 16.21
CA ASN A 221 22.93 -0.55 15.75
C ASN A 221 22.48 -0.54 14.29
N VAL A 222 21.32 0.04 14.01
CA VAL A 222 20.65 -0.06 12.68
C VAL A 222 21.51 0.61 11.60
N SER A 223 22.07 1.79 11.88
CA SER A 223 22.98 2.53 10.95
C SER A 223 24.19 1.70 10.52
N GLU A 224 24.78 0.98 11.45
CA GLU A 224 25.91 0.06 11.14
C GLU A 224 25.46 -0.98 10.11
N VAL A 225 24.25 -1.55 10.25
CA VAL A 225 23.79 -2.60 9.30
C VAL A 225 23.56 -1.95 7.93
N VAL A 226 23.00 -0.75 7.92
CA VAL A 226 22.78 0.04 6.70
C VAL A 226 24.15 0.18 5.99
N LYS A 227 25.18 0.62 6.70
CA LYS A 227 26.54 0.85 6.11
C LYS A 227 27.09 -0.45 5.54
N ASP A 228 26.92 -1.56 6.27
CA ASP A 228 27.43 -2.88 5.84
C ASP A 228 26.78 -3.25 4.51
N ALA A 229 25.45 -3.16 4.43
CA ALA A 229 24.68 -3.50 3.23
C ALA A 229 25.17 -2.61 2.07
N TYR A 230 25.29 -1.31 2.31
CA TYR A 230 25.74 -0.33 1.30
C TYR A 230 27.15 -0.70 0.78
N ASP A 231 28.09 -0.95 1.68
CA ASP A 231 29.49 -1.30 1.31
C ASP A 231 29.46 -2.51 0.36
N MET A 232 28.71 -3.55 0.68
CA MET A 232 28.68 -4.79 -0.14
C MET A 232 28.01 -4.51 -1.51
N ALA A 233 26.89 -3.76 -1.55
CA ALA A 233 26.20 -3.38 -2.80
C ALA A 233 27.16 -2.55 -3.67
N LYS A 234 27.86 -1.62 -3.05
CA LYS A 234 28.81 -0.67 -3.70
C LYS A 234 29.95 -1.44 -4.39
N LEU A 235 30.46 -2.51 -3.77
CA LEU A 235 31.49 -3.37 -4.40
C LEU A 235 30.94 -3.95 -5.70
N LEU A 236 29.71 -4.45 -5.72
CA LEU A 236 29.12 -5.05 -6.94
C LEU A 236 28.88 -3.94 -7.97
N CYS A 237 28.40 -2.79 -7.53
CA CYS A 237 28.06 -1.64 -8.41
C CYS A 237 29.33 -1.12 -9.11
N ASP A 238 30.38 -0.84 -8.34
CA ASP A 238 31.71 -0.39 -8.85
C ASP A 238 32.29 -1.42 -9.84
N LYS A 239 32.23 -2.70 -9.52
CA LYS A 239 32.81 -3.77 -10.37
C LYS A 239 32.17 -3.74 -11.76
N TYR A 240 30.85 -3.55 -11.86
CA TYR A 240 30.13 -3.63 -13.15
C TYR A 240 30.03 -2.27 -13.83
N TYR A 241 29.77 -1.19 -13.10
CA TYR A 241 29.45 0.11 -13.73
C TYR A 241 30.63 1.08 -13.65
N MET A 242 31.59 0.83 -12.76
CA MET A 242 32.76 1.69 -12.51
C MET A 242 32.30 3.03 -11.93
N ALA A 243 31.09 3.07 -11.39
CA ALA A 243 30.59 4.21 -10.61
C ALA A 243 29.50 3.72 -9.65
N SER A 244 29.30 4.44 -8.55
CA SER A 244 28.28 4.11 -7.53
C SER A 244 27.83 5.40 -6.89
N PRO A 245 26.54 5.50 -6.48
CA PRO A 245 26.13 6.65 -5.69
C PRO A 245 26.71 6.55 -4.27
N ASP A 246 26.96 7.69 -3.65
CA ASP A 246 27.28 7.84 -2.22
C ASP A 246 26.03 7.53 -1.37
N LEU A 247 26.25 7.35 -0.07
CA LEU A 247 25.22 7.12 0.97
C LEU A 247 25.17 8.32 1.89
N GLU A 248 23.96 8.83 2.19
CA GLU A 248 23.71 9.76 3.32
C GLU A 248 22.77 9.02 4.29
N ILE A 249 23.08 9.03 5.58
CA ILE A 249 22.20 8.46 6.66
C ILE A 249 21.77 9.62 7.56
N GLN A 250 20.48 9.75 7.81
CA GLN A 250 19.95 10.65 8.86
C GLN A 250 19.22 9.77 9.88
N GLU A 251 19.45 10.00 11.17
CA GLU A 251 18.72 9.36 12.29
C GLU A 251 17.76 10.38 12.89
N ILE A 252 16.53 9.97 13.15
CA ILE A 252 15.54 10.74 13.97
C ILE A 252 15.13 9.84 15.14
N ASN A 253 15.70 10.05 16.32
CA ASN A 253 15.32 9.35 17.56
C ASN A 253 14.37 10.30 18.27
N ALA A 254 13.06 10.14 18.05
CA ALA A 254 12.03 11.14 18.43
C ALA A 254 12.13 11.40 19.94
N ALA A 255 12.18 10.36 20.76
CA ALA A 255 12.15 10.46 22.25
C ALA A 255 13.51 10.87 22.83
N ASN A 256 14.62 10.66 22.10
CA ASN A 256 16.01 10.85 22.61
C ASN A 256 16.92 11.33 21.46
N SER A 257 16.81 12.61 21.08
CA SER A 257 17.31 13.14 19.78
C SER A 257 18.81 12.90 19.61
N LYS A 258 19.61 12.85 20.67
CA LYS A 258 21.09 12.73 20.55
C LYS A 258 21.54 11.25 20.64
N GLN A 259 20.63 10.30 20.87
CA GLN A 259 20.97 8.88 21.12
C GLN A 259 21.07 8.10 19.80
N PRO A 260 22.12 7.28 19.58
CA PRO A 260 22.16 6.34 18.46
C PRO A 260 20.99 5.34 18.52
N ILE A 261 20.45 4.97 17.38
CA ILE A 261 19.23 4.11 17.31
C ILE A 261 19.66 2.64 17.36
N HIS A 262 19.19 1.93 18.37
CA HIS A 262 19.50 0.50 18.65
C HIS A 262 18.17 -0.23 18.75
N MET A 263 18.15 -1.51 18.49
CA MET A 263 16.95 -2.34 18.73
C MET A 263 17.44 -3.75 18.96
N VAL A 264 16.56 -4.63 19.43
CA VAL A 264 16.78 -6.10 19.46
C VAL A 264 16.40 -6.62 18.07
N TYR A 265 17.33 -7.18 17.30
CA TYR A 265 16.97 -7.70 15.95
C TYR A 265 17.98 -8.73 15.50
N VAL A 266 17.63 -9.43 14.43
CA VAL A 266 18.53 -10.40 13.74
C VAL A 266 19.24 -9.64 12.63
N PRO A 267 20.50 -9.18 12.85
CA PRO A 267 21.24 -8.40 11.86
C PRO A 267 21.25 -8.98 10.44
N SER A 268 21.42 -10.29 10.32
CA SER A 268 21.50 -10.95 8.99
C SER A 268 20.19 -10.73 8.22
N HIS A 269 19.03 -10.70 8.90
CA HIS A 269 17.72 -10.44 8.25
C HIS A 269 17.68 -8.99 7.77
N LEU A 270 18.08 -8.05 8.62
CA LEU A 270 18.06 -6.61 8.25
C LEU A 270 19.03 -6.40 7.09
N TYR A 271 20.24 -6.96 7.18
CA TYR A 271 21.26 -6.90 6.09
C TYR A 271 20.66 -7.37 4.75
N HIS A 272 20.03 -8.55 4.71
CA HIS A 272 19.38 -9.15 3.52
C HIS A 272 18.43 -8.11 2.87
N MET A 273 17.52 -7.55 3.64
CA MET A 273 16.53 -6.59 3.10
C MET A 273 17.27 -5.37 2.56
N LEU A 274 18.19 -4.79 3.32
CA LEU A 274 18.87 -3.53 2.92
C LEU A 274 19.80 -3.78 1.73
N PHE A 275 20.47 -4.93 1.69
CA PHE A 275 21.38 -5.28 0.54
C PHE A 275 20.55 -5.35 -0.75
N GLU A 276 19.40 -6.03 -0.73
CA GLU A 276 18.50 -6.15 -1.91
C GLU A 276 17.99 -4.75 -2.32
N LEU A 277 17.64 -3.91 -1.37
CA LEU A 277 17.10 -2.57 -1.68
C LEU A 277 18.23 -1.68 -2.23
N PHE A 278 19.43 -1.79 -1.68
CA PHE A 278 20.58 -1.03 -2.22
C PHE A 278 20.90 -1.46 -3.65
N LYS A 279 20.87 -2.76 -3.96
CA LYS A 279 21.15 -3.22 -5.36
C LYS A 279 20.17 -2.53 -6.31
N ASN A 280 18.89 -2.51 -5.96
CA ASN A 280 17.82 -1.88 -6.78
C ASN A 280 18.09 -0.37 -6.92
N ALA A 281 18.35 0.33 -5.82
CA ALA A 281 18.53 1.81 -5.81
C ALA A 281 19.77 2.17 -6.63
N MET A 282 20.84 1.41 -6.47
CA MET A 282 22.11 1.67 -7.20
C MET A 282 21.92 1.41 -8.68
N ARG A 283 21.27 0.31 -9.07
CA ARG A 283 21.05 -0.01 -10.50
C ARG A 283 20.21 1.11 -11.11
N ALA A 284 19.10 1.45 -10.48
CA ALA A 284 18.18 2.48 -11.02
C ALA A 284 18.97 3.78 -11.17
N THR A 285 19.81 4.12 -10.20
CA THR A 285 20.53 5.42 -10.19
C THR A 285 21.57 5.44 -11.33
N VAL A 286 22.38 4.39 -11.45
CA VAL A 286 23.46 4.36 -12.47
C VAL A 286 22.85 4.27 -13.88
N GLU A 287 21.83 3.43 -14.08
CA GLU A 287 21.24 3.18 -15.42
C GLU A 287 20.41 4.39 -15.89
N SER A 288 20.03 5.30 -14.99
CA SER A 288 19.27 6.54 -15.37
C SER A 288 20.24 7.72 -15.53
N HIS A 289 21.51 7.53 -15.23
CA HIS A 289 22.57 8.57 -15.26
C HIS A 289 23.81 8.04 -15.98
N GLU A 290 23.60 7.31 -17.10
CA GLU A 290 24.65 6.53 -17.81
C GLU A 290 25.70 7.45 -18.42
N SER A 291 25.41 8.74 -18.58
CA SER A 291 26.31 9.74 -19.20
C SER A 291 26.77 10.80 -18.18
N SER A 292 26.33 10.73 -16.91
CA SER A 292 26.61 11.76 -15.88
C SER A 292 27.89 11.46 -15.12
N LEU A 293 28.66 12.49 -14.78
CA LEU A 293 29.82 12.36 -13.89
C LEU A 293 29.33 12.34 -12.43
N ILE A 294 28.23 13.02 -12.19
CA ILE A 294 27.64 13.23 -10.84
C ILE A 294 26.42 12.33 -10.74
N LEU A 295 26.45 11.40 -9.79
CA LEU A 295 25.27 10.58 -9.42
C LEU A 295 24.64 11.16 -8.17
N PRO A 296 23.31 11.24 -8.10
CA PRO A 296 22.66 11.65 -6.86
C PRO A 296 22.86 10.55 -5.82
N PRO A 297 23.04 10.92 -4.53
CA PRO A 297 23.32 9.95 -3.48
C PRO A 297 22.06 9.13 -3.18
N ILE A 298 22.22 7.95 -2.59
CA ILE A 298 21.08 7.24 -1.91
C ILE A 298 20.95 7.78 -0.48
N LYS A 299 19.76 8.25 -0.10
CA LYS A 299 19.51 8.81 1.25
C LYS A 299 18.77 7.77 2.09
N VAL A 300 19.30 7.44 3.27
CA VAL A 300 18.59 6.56 4.22
C VAL A 300 18.23 7.38 5.45
N MET A 301 16.96 7.36 5.81
CA MET A 301 16.49 7.87 7.11
C MET A 301 16.12 6.70 8.01
N VAL A 302 16.64 6.70 9.23
CA VAL A 302 16.26 5.74 10.31
C VAL A 302 15.46 6.54 11.35
N ALA A 303 14.17 6.23 11.50
CA ALA A 303 13.31 6.94 12.47
C ALA A 303 12.87 5.96 13.56
N LEU A 304 12.99 6.36 14.83
CA LEU A 304 12.51 5.56 15.98
C LEU A 304 11.36 6.30 16.63
N GLY A 305 10.15 5.75 16.53
CA GLY A 305 8.99 6.22 17.29
C GLY A 305 8.70 5.33 18.49
N GLU A 306 7.51 5.49 19.05
CA GLU A 306 7.09 4.72 20.26
C GLU A 306 6.91 3.26 19.88
N GLU A 307 6.42 2.96 18.67
CA GLU A 307 6.03 1.59 18.28
C GLU A 307 6.85 1.13 17.06
N ASP A 308 7.18 2.04 16.16
CA ASP A 308 7.82 1.70 14.87
C ASP A 308 9.28 2.16 14.86
N LEU A 309 10.14 1.31 14.35
CA LEU A 309 11.47 1.71 13.81
C LEU A 309 11.40 1.62 12.29
N SER A 310 11.44 2.77 11.60
CA SER A 310 11.23 2.86 10.15
C SER A 310 12.55 3.21 9.46
N ILE A 311 12.84 2.55 8.35
CA ILE A 311 14.06 2.81 7.56
C ILE A 311 13.63 3.13 6.14
N LYS A 312 13.85 4.36 5.72
CA LYS A 312 13.45 4.73 4.34
C LYS A 312 14.71 4.85 3.51
N MET A 313 14.74 4.19 2.35
CA MET A 313 15.82 4.36 1.35
C MET A 313 15.26 5.09 0.12
N SER A 314 15.78 6.28 -0.15
CA SER A 314 15.33 7.20 -1.22
C SER A 314 16.39 7.28 -2.30
N ASP A 315 16.05 6.93 -3.54
CA ASP A 315 16.95 7.09 -4.71
C ASP A 315 16.34 8.11 -5.66
N ARG A 316 17.17 8.70 -6.52
CA ARG A 316 16.73 9.52 -7.66
C ARG A 316 17.03 8.77 -8.96
N GLY A 317 16.61 7.51 -9.06
CA GLY A 317 16.82 6.64 -10.23
C GLY A 317 15.71 6.72 -11.27
N GLY A 318 14.88 7.76 -11.29
CA GLY A 318 13.89 7.96 -12.36
C GLY A 318 12.54 7.34 -12.06
N GLY A 319 12.45 6.51 -11.04
CA GLY A 319 11.18 5.96 -10.53
C GLY A 319 10.51 4.96 -11.46
N VAL A 320 9.33 4.51 -11.07
CA VAL A 320 8.52 3.50 -11.78
C VAL A 320 7.08 3.98 -11.80
N PRO A 321 6.32 3.80 -12.90
CA PRO A 321 4.90 4.13 -12.89
C PRO A 321 4.17 3.26 -11.85
N LEU A 322 3.12 3.82 -11.23
CA LEU A 322 2.36 3.13 -10.16
C LEU A 322 1.87 1.76 -10.63
N ARG A 323 1.53 1.60 -11.90
CA ARG A 323 0.98 0.36 -12.52
C ARG A 323 1.99 -0.79 -12.35
N LYS A 324 3.28 -0.47 -12.30
CA LYS A 324 4.39 -1.46 -12.27
C LYS A 324 4.80 -1.84 -10.83
N ILE A 325 4.29 -1.15 -9.79
CA ILE A 325 4.74 -1.41 -8.39
C ILE A 325 4.31 -2.82 -7.95
N GLU A 326 3.03 -3.17 -8.06
CA GLU A 326 2.49 -4.46 -7.56
C GLU A 326 3.32 -5.63 -8.14
N ARG A 327 3.71 -5.52 -9.41
CA ARG A 327 4.45 -6.62 -10.10
C ARG A 327 5.90 -6.65 -9.61
N LEU A 328 6.48 -5.57 -9.07
CA LEU A 328 7.82 -5.67 -8.47
C LEU A 328 7.79 -6.67 -7.29
N PHE A 329 6.64 -6.87 -6.65
CA PHE A 329 6.50 -7.77 -5.48
C PHE A 329 6.07 -9.18 -5.91
N SER A 330 6.01 -9.42 -7.23
CA SER A 330 5.62 -10.72 -7.83
C SER A 330 6.90 -11.58 -7.96
N TYR A 331 6.84 -12.87 -7.66
CA TYR A 331 7.99 -13.79 -7.85
C TYR A 331 8.30 -13.89 -9.36
N MET A 332 9.58 -13.65 -9.70
CA MET A 332 10.23 -13.78 -11.03
C MET A 332 9.88 -12.62 -11.98
N TYR A 333 9.22 -11.56 -11.54
CA TYR A 333 9.11 -10.32 -12.36
C TYR A 333 10.39 -9.51 -12.19
N SER A 334 10.98 -9.09 -13.32
CA SER A 334 12.28 -8.40 -13.43
C SER A 334 12.15 -7.23 -14.41
N THR A 335 12.58 -6.02 -14.02
CA THR A 335 12.68 -4.83 -14.90
C THR A 335 13.94 -4.94 -15.76
N ALA A 336 14.84 -5.88 -15.47
CA ALA A 336 16.08 -6.19 -16.24
C ALA A 336 15.71 -7.03 -17.48
N GLY A 345 26.39 -9.77 -17.68
CA GLY A 345 25.09 -9.48 -17.04
C GLY A 345 25.27 -8.76 -15.71
N THR A 346 24.43 -7.76 -15.43
CA THR A 346 24.60 -6.88 -14.25
C THR A 346 24.45 -7.74 -13.00
N PRO A 347 25.40 -7.65 -12.03
CA PRO A 347 25.23 -8.34 -10.76
C PRO A 347 24.15 -7.66 -9.88
N LEU A 348 23.68 -6.47 -10.23
CA LEU A 348 22.65 -5.76 -9.40
C LEU A 348 21.23 -6.29 -9.67
N ALA A 349 21.03 -7.14 -10.69
CA ALA A 349 19.71 -7.76 -10.97
C ALA A 349 19.80 -9.26 -10.67
N GLY A 350 18.73 -9.88 -10.17
CA GLY A 350 18.73 -11.29 -9.71
C GLY A 350 17.89 -12.17 -10.60
N PHE A 351 16.95 -12.92 -10.02
CA PHE A 351 15.93 -13.73 -10.74
C PHE A 351 14.53 -13.28 -10.28
N GLY A 352 14.42 -12.00 -9.89
CA GLY A 352 13.18 -11.34 -9.46
C GLY A 352 12.67 -11.81 -8.10
N TYR A 353 13.56 -12.12 -7.14
CA TYR A 353 13.17 -12.66 -5.80
C TYR A 353 13.54 -11.69 -4.68
N GLY A 354 14.23 -10.60 -4.98
CA GLY A 354 14.79 -9.68 -3.97
C GLY A 354 13.69 -9.03 -3.13
N LEU A 355 12.74 -8.39 -3.78
CA LEU A 355 11.69 -7.62 -3.08
C LEU A 355 10.73 -8.54 -2.35
N PRO A 356 10.13 -9.58 -2.99
CA PRO A 356 9.20 -10.43 -2.26
C PRO A 356 9.80 -11.20 -1.06
N ILE A 357 11.03 -11.72 -1.19
CA ILE A 357 11.71 -12.39 -0.05
C ILE A 357 12.01 -11.33 1.03
N SER A 358 12.58 -10.19 0.65
CA SER A 358 12.89 -9.10 1.61
C SER A 358 11.64 -8.74 2.39
N ARG A 359 10.48 -8.65 1.73
CA ARG A 359 9.22 -8.33 2.43
C ARG A 359 8.88 -9.43 3.43
N LEU A 360 9.19 -10.70 3.14
CA LEU A 360 8.90 -11.79 4.09
C LEU A 360 9.76 -11.63 5.35
N TYR A 361 11.04 -11.30 5.19
CA TYR A 361 11.95 -11.04 6.33
C TYR A 361 11.37 -9.91 7.18
N ALA A 362 10.83 -8.86 6.58
CA ALA A 362 10.21 -7.75 7.33
C ALA A 362 8.98 -8.24 8.08
N LYS A 363 8.16 -9.07 7.44
CA LYS A 363 6.87 -9.54 8.02
C LYS A 363 7.14 -10.49 9.19
N TYR A 364 8.30 -11.15 9.20
CA TYR A 364 8.56 -12.32 10.07
C TYR A 364 8.48 -11.93 11.54
N PHE A 365 8.97 -10.76 11.93
CA PHE A 365 8.81 -10.24 13.32
C PHE A 365 7.81 -9.06 13.35
N GLN A 366 6.76 -9.15 12.55
CA GLN A 366 5.57 -8.27 12.62
C GLN A 366 5.88 -6.90 11.99
N GLY A 367 6.87 -6.80 11.10
CA GLY A 367 7.09 -5.59 10.29
C GLY A 367 6.43 -5.64 8.90
N ASP A 368 6.94 -4.84 7.99
CA ASP A 368 6.44 -4.72 6.60
C ASP A 368 7.52 -4.05 5.77
N LEU A 369 7.37 -4.12 4.45
CA LEU A 369 8.27 -3.42 3.50
C LEU A 369 7.42 -2.87 2.38
N GLN A 370 7.42 -1.55 2.21
CA GLN A 370 6.61 -0.88 1.17
C GLN A 370 7.51 -0.11 0.19
N LEU A 371 7.03 0.02 -1.03
CA LEU A 371 7.69 0.76 -2.13
C LEU A 371 6.72 1.86 -2.59
N PHE A 372 7.18 3.09 -2.72
CA PHE A 372 6.38 4.15 -3.36
C PHE A 372 7.31 5.00 -4.22
N SER A 373 6.88 5.19 -5.44
CA SER A 373 7.73 5.80 -6.48
C SER A 373 7.05 7.05 -7.02
N MET A 374 7.85 7.89 -7.61
CA MET A 374 7.36 9.09 -8.35
C MET A 374 8.02 9.03 -9.74
N GLU A 375 7.27 8.56 -10.72
CA GLU A 375 7.81 8.37 -12.09
C GLU A 375 8.44 9.67 -12.57
N GLY A 376 9.70 9.60 -12.99
CA GLY A 376 10.45 10.76 -13.49
C GLY A 376 11.35 11.35 -12.43
N PHE A 377 11.21 10.97 -11.16
CA PHE A 377 12.08 11.46 -10.05
C PHE A 377 12.84 10.28 -9.44
N GLY A 378 12.12 9.34 -8.81
CA GLY A 378 12.79 8.33 -7.96
C GLY A 378 11.83 7.53 -7.09
N THR A 379 12.39 6.72 -6.20
CA THR A 379 11.69 5.68 -5.41
C THR A 379 12.08 5.79 -3.95
N ASP A 380 11.09 5.60 -3.07
CA ASP A 380 11.26 5.40 -1.60
C ASP A 380 10.87 3.96 -1.32
N ALA A 381 11.75 3.23 -0.64
CA ALA A 381 11.47 1.90 -0.06
C ALA A 381 11.53 2.08 1.44
N VAL A 382 10.51 1.60 2.16
CA VAL A 382 10.43 1.72 3.63
C VAL A 382 10.32 0.33 4.23
N ILE A 383 11.28 0.02 5.09
CA ILE A 383 11.20 -1.13 6.05
C ILE A 383 10.61 -0.60 7.34
N TYR A 384 9.54 -1.24 7.77
CA TYR A 384 8.87 -1.00 9.07
C TYR A 384 9.20 -2.18 9.97
N LEU A 385 9.88 -1.93 11.08
CA LEU A 385 10.10 -2.94 12.16
C LEU A 385 9.38 -2.47 13.43
N LYS A 386 9.08 -3.43 14.29
CA LYS A 386 8.63 -3.20 15.68
C LYS A 386 9.84 -2.69 16.47
N ALA A 387 9.74 -1.48 17.02
CA ALA A 387 10.76 -0.85 17.89
C ALA A 387 11.01 -1.71 19.14
N LEU A 388 9.97 -2.29 19.73
CA LEU A 388 10.04 -2.95 21.07
C LEU A 388 10.12 -4.47 20.93
N SER A 389 11.01 -5.09 21.70
CA SER A 389 11.18 -6.56 21.71
C SER A 389 9.86 -7.19 22.14
N THR A 390 9.07 -6.49 22.96
CA THR A 390 7.78 -7.04 23.47
C THR A 390 6.72 -7.11 22.37
N ASP A 391 6.93 -6.47 21.20
CA ASP A 391 6.01 -6.51 20.04
C ASP A 391 6.54 -7.45 18.97
N SER A 392 7.71 -8.06 19.20
CA SER A 392 8.48 -8.78 18.15
C SER A 392 8.26 -10.27 18.35
N VAL A 393 7.35 -10.85 17.57
CA VAL A 393 6.89 -12.27 17.70
C VAL A 393 6.88 -12.84 16.30
N GLU A 394 7.31 -14.08 16.12
CA GLU A 394 7.27 -14.75 14.80
C GLU A 394 5.87 -14.58 14.18
N ARG A 395 5.81 -14.25 12.89
CA ARG A 395 4.60 -14.36 12.03
C ARG A 395 4.71 -15.66 11.23
N LEU A 396 3.97 -16.68 11.61
CA LEU A 396 4.04 -18.02 10.99
C LEU A 396 2.77 -18.25 10.19
N PRO A 397 2.86 -18.74 8.95
CA PRO A 397 1.70 -19.32 8.28
C PRO A 397 1.33 -20.69 8.87
N VAL A 398 0.03 -20.93 9.12
CA VAL A 398 -0.52 -22.29 9.44
C VAL A 398 -1.48 -22.72 8.32
N ALA B 41 -42.00 4.27 -9.44
CA ALA B 41 -40.59 4.57 -9.03
C ALA B 41 -39.79 3.26 -8.93
N PRO B 42 -40.28 2.22 -8.21
CA PRO B 42 -39.65 0.90 -8.29
C PRO B 42 -39.63 0.34 -9.72
N LYS B 43 -40.61 0.74 -10.56
CA LYS B 43 -40.73 0.42 -12.01
C LYS B 43 -39.60 1.08 -12.81
N TYR B 44 -39.42 2.40 -12.64
CA TYR B 44 -38.35 3.20 -13.29
C TYR B 44 -36.98 2.64 -12.89
N ILE B 45 -36.77 2.36 -11.60
CA ILE B 45 -35.47 1.86 -11.06
C ILE B 45 -35.15 0.49 -11.70
N GLU B 46 -36.13 -0.39 -11.84
CA GLU B 46 -35.89 -1.74 -12.39
C GLU B 46 -35.52 -1.59 -13.86
N HIS B 47 -36.24 -0.75 -14.61
CA HIS B 47 -36.03 -0.54 -16.06
C HIS B 47 -34.60 -0.03 -16.28
N PHE B 48 -34.19 1.02 -15.56
CA PHE B 48 -32.91 1.74 -15.81
C PHE B 48 -31.72 0.96 -15.24
N SER B 49 -31.92 0.15 -14.20
CA SER B 49 -30.83 -0.66 -13.59
C SER B 49 -30.51 -1.88 -14.47
N LYS B 50 -31.31 -2.17 -15.49
CA LYS B 50 -30.97 -3.18 -16.53
C LYS B 50 -29.72 -2.70 -17.32
N PHE B 51 -29.47 -1.40 -17.38
CA PHE B 51 -28.35 -0.81 -18.14
C PHE B 51 -27.15 -0.57 -17.21
N SER B 52 -25.94 -0.55 -17.76
CA SER B 52 -24.69 -0.22 -17.04
C SER B 52 -24.28 1.21 -17.36
N PRO B 53 -23.85 1.99 -16.34
CA PRO B 53 -23.28 3.32 -16.59
C PRO B 53 -22.17 3.23 -17.64
N SER B 54 -22.06 4.21 -18.53
CA SER B 54 -21.03 4.25 -19.60
C SER B 54 -19.89 5.15 -19.14
N PRO B 55 -18.69 4.59 -18.88
CA PRO B 55 -17.53 5.43 -18.55
C PRO B 55 -17.16 6.37 -19.70
N LEU B 56 -16.98 7.65 -19.41
CA LEU B 56 -16.66 8.67 -20.43
C LEU B 56 -15.17 9.04 -20.29
N SER B 57 -14.52 9.35 -21.40
CA SER B 57 -13.07 9.66 -21.42
C SER B 57 -12.90 11.17 -21.35
N MET B 58 -11.76 11.66 -20.91
CA MET B 58 -11.43 13.11 -20.99
C MET B 58 -11.60 13.62 -22.44
N LYS B 59 -11.19 12.86 -23.48
CA LYS B 59 -11.35 13.33 -24.89
C LYS B 59 -12.82 13.60 -25.20
N GLN B 60 -13.73 12.76 -24.71
CA GLN B 60 -15.19 12.92 -24.93
C GLN B 60 -15.68 14.18 -24.22
N PHE B 61 -15.32 14.36 -22.95
CA PHE B 61 -15.71 15.59 -22.21
C PHE B 61 -15.26 16.83 -23.01
N LEU B 62 -14.00 16.88 -23.48
CA LEU B 62 -13.48 18.06 -24.22
C LEU B 62 -14.22 18.22 -25.55
N ASP B 63 -14.36 17.15 -26.34
CA ASP B 63 -15.06 17.15 -27.65
C ASP B 63 -16.49 17.67 -27.45
N PHE B 64 -17.23 17.16 -26.46
CA PHE B 64 -18.66 17.52 -26.27
C PHE B 64 -18.85 18.89 -25.57
N GLY B 65 -17.79 19.52 -25.03
CA GLY B 65 -17.86 20.89 -24.48
C GLY B 65 -17.12 21.92 -25.34
N SER B 66 -16.73 21.52 -26.55
CA SER B 66 -15.88 22.26 -27.51
C SER B 66 -16.70 23.29 -28.33
N SER B 67 -16.06 23.81 -29.40
CA SER B 67 -16.66 24.58 -30.51
C SER B 67 -17.97 23.93 -30.96
N ASN B 68 -17.95 22.62 -31.19
CA ASN B 68 -19.10 21.86 -31.75
C ASN B 68 -20.13 21.53 -30.65
N ALA B 69 -19.98 22.02 -29.42
CA ALA B 69 -20.91 21.70 -28.31
C ALA B 69 -22.37 21.94 -28.77
N CYS B 70 -23.20 20.91 -28.71
CA CYS B 70 -24.63 20.94 -29.08
C CYS B 70 -25.45 20.58 -27.83
N GLU B 71 -26.24 21.52 -27.34
CA GLU B 71 -27.10 21.38 -26.13
C GLU B 71 -28.11 20.25 -26.31
N LYS B 72 -28.65 20.11 -27.52
CA LYS B 72 -29.65 19.07 -27.86
C LYS B 72 -29.02 17.70 -27.68
N THR B 73 -27.75 17.55 -28.05
CA THR B 73 -27.01 16.25 -27.96
C THR B 73 -26.80 15.94 -26.48
N SER B 74 -26.33 16.93 -25.71
CA SER B 74 -26.13 16.78 -24.25
C SER B 74 -27.44 16.35 -23.61
N PHE B 75 -28.53 17.06 -23.88
CA PHE B 75 -29.89 16.69 -23.39
C PHE B 75 -30.25 15.23 -23.72
N THR B 76 -30.20 14.81 -24.99
CA THR B 76 -30.66 13.44 -25.38
C THR B 76 -29.72 12.39 -24.76
N PHE B 77 -28.45 12.71 -24.56
CA PHE B 77 -27.54 11.79 -23.84
C PHE B 77 -27.94 11.70 -22.36
N LEU B 78 -28.02 12.84 -21.66
CA LEU B 78 -28.18 12.86 -20.18
C LEU B 78 -29.57 12.34 -19.77
N ARG B 79 -30.58 12.40 -20.63
CA ARG B 79 -31.92 11.96 -20.19
C ARG B 79 -31.96 10.43 -20.27
N GLN B 80 -30.94 9.79 -20.85
CA GLN B 80 -30.74 8.31 -20.72
C GLN B 80 -29.69 8.03 -19.65
N GLU B 81 -28.51 8.65 -19.72
CA GLU B 81 -27.34 8.27 -18.88
C GLU B 81 -27.66 8.62 -17.41
N LEU B 82 -28.30 9.74 -17.09
CA LEU B 82 -28.47 10.13 -15.66
C LEU B 82 -29.46 9.18 -14.98
N PRO B 83 -30.60 8.81 -15.57
CA PRO B 83 -31.44 7.77 -14.97
C PRO B 83 -30.69 6.43 -14.80
N VAL B 84 -29.87 6.04 -15.77
CA VAL B 84 -29.04 4.80 -15.63
C VAL B 84 -28.16 4.94 -14.39
N ARG B 85 -27.47 6.07 -14.23
CA ARG B 85 -26.54 6.28 -13.09
C ARG B 85 -27.32 6.40 -11.77
N LEU B 86 -28.47 7.07 -11.78
CA LEU B 86 -29.31 7.20 -10.57
C LEU B 86 -29.86 5.82 -10.18
N ALA B 87 -30.37 5.04 -11.12
CA ALA B 87 -30.94 3.71 -10.80
C ALA B 87 -29.82 2.81 -10.25
N ASN B 88 -28.61 2.90 -10.80
N ASN B 88 -28.62 2.94 -10.82
CA ASN B 88 -27.51 2.00 -10.34
CA ASN B 88 -27.41 2.18 -10.39
C ASN B 88 -27.09 2.42 -8.91
C ASN B 88 -27.19 2.44 -8.90
N ILE B 89 -27.18 3.70 -8.51
CA ILE B 89 -26.76 4.10 -7.14
C ILE B 89 -27.87 3.72 -6.16
N MET B 90 -29.11 3.84 -6.59
CA MET B 90 -30.30 3.42 -5.79
C MET B 90 -30.30 1.90 -5.57
N LYS B 91 -29.85 1.10 -6.55
CA LYS B 91 -29.58 -0.35 -6.35
C LYS B 91 -28.45 -0.53 -5.33
N GLU B 92 -27.36 0.22 -5.48
CA GLU B 92 -26.21 0.17 -4.53
C GLU B 92 -26.72 0.46 -3.11
N ILE B 93 -27.64 1.41 -2.92
CA ILE B 93 -28.16 1.79 -1.58
C ILE B 93 -28.96 0.61 -1.02
N ASN B 94 -29.72 -0.10 -1.86
CA ASN B 94 -30.51 -1.29 -1.46
C ASN B 94 -29.62 -2.49 -1.11
N LEU B 95 -28.30 -2.44 -1.36
CA LEU B 95 -27.33 -3.51 -0.96
C LEU B 95 -26.82 -3.26 0.48
N LEU B 96 -27.32 -2.22 1.14
CA LEU B 96 -27.03 -1.98 2.58
C LEU B 96 -27.92 -2.90 3.40
N PRO B 97 -27.43 -3.39 4.56
CA PRO B 97 -28.29 -4.09 5.52
C PRO B 97 -29.53 -3.27 5.88
N ASP B 98 -30.65 -3.95 6.13
CA ASP B 98 -31.98 -3.36 6.42
C ASP B 98 -31.88 -2.40 7.62
N ARG B 99 -31.00 -2.67 8.59
CA ARG B 99 -30.88 -1.80 9.79
C ARG B 99 -30.21 -0.46 9.44
N VAL B 100 -29.32 -0.40 8.45
CA VAL B 100 -28.69 0.88 8.02
C VAL B 100 -29.70 1.64 7.15
N LEU B 101 -30.37 0.89 6.27
CA LEU B 101 -31.36 1.39 5.27
C LEU B 101 -32.53 2.06 5.99
N SER B 102 -32.93 1.58 7.17
CA SER B 102 -34.14 2.07 7.89
C SER B 102 -33.82 3.29 8.77
N THR B 103 -32.58 3.73 8.85
CA THR B 103 -32.21 4.95 9.62
C THR B 103 -32.90 6.13 8.95
N PRO B 104 -33.32 7.16 9.72
CA PRO B 104 -33.95 8.33 9.12
C PRO B 104 -33.04 9.01 8.08
N SER B 105 -31.74 9.13 8.36
CA SER B 105 -30.81 9.82 7.42
C SER B 105 -30.68 9.05 6.10
N VAL B 106 -30.53 7.72 6.13
CA VAL B 106 -30.44 6.95 4.86
C VAL B 106 -31.78 7.03 4.08
N GLN B 107 -32.91 6.96 4.77
CA GLN B 107 -34.25 7.06 4.13
C GLN B 107 -34.37 8.45 3.47
N LEU B 108 -33.89 9.49 4.14
CA LEU B 108 -33.90 10.86 3.56
C LEU B 108 -33.08 10.88 2.26
N VAL B 109 -31.84 10.38 2.29
CA VAL B 109 -30.97 10.33 1.09
C VAL B 109 -31.67 9.53 -0.02
N GLN B 110 -32.21 8.37 0.31
CA GLN B 110 -32.98 7.56 -0.67
C GLN B 110 -34.11 8.39 -1.28
N SER B 111 -34.88 9.11 -0.46
CA SER B 111 -36.02 9.94 -0.96
C SER B 111 -35.49 10.99 -1.96
N TRP B 112 -34.33 11.59 -1.72
CA TRP B 112 -33.73 12.54 -2.70
C TRP B 112 -33.48 11.84 -4.05
N TYR B 113 -32.86 10.68 -4.05
CA TYR B 113 -32.52 9.96 -5.30
C TYR B 113 -33.81 9.66 -6.08
N VAL B 114 -34.86 9.21 -5.38
CA VAL B 114 -36.19 8.93 -5.98
C VAL B 114 -36.74 10.21 -6.64
N GLN B 115 -36.77 11.32 -5.90
CA GLN B 115 -37.24 12.63 -6.41
C GLN B 115 -36.46 13.04 -7.66
N SER B 116 -35.13 12.82 -7.67
CA SER B 116 -34.24 13.25 -8.78
C SER B 116 -34.53 12.37 -10.00
N LEU B 117 -34.64 11.06 -9.81
CA LEU B 117 -34.99 10.16 -10.94
C LEU B 117 -36.32 10.61 -11.54
N LEU B 118 -37.35 10.86 -10.73
CA LEU B 118 -38.68 11.27 -11.19
C LEU B 118 -38.60 12.61 -11.93
N ASP B 119 -37.82 13.57 -11.45
CA ASP B 119 -37.59 14.86 -12.16
C ASP B 119 -37.10 14.58 -13.59
N ILE B 120 -36.11 13.70 -13.78
CA ILE B 120 -35.55 13.43 -15.14
C ILE B 120 -36.56 12.64 -15.98
N MET B 121 -37.34 11.74 -15.38
CA MET B 121 -38.41 10.96 -16.08
C MET B 121 -39.39 11.91 -16.78
N GLU B 122 -39.65 13.09 -16.22
CA GLU B 122 -40.57 14.09 -16.83
C GLU B 122 -40.08 14.51 -18.24
N PHE B 123 -38.81 14.27 -18.61
CA PHE B 123 -38.20 14.76 -19.87
C PHE B 123 -38.20 13.70 -20.96
N LEU B 124 -38.63 12.47 -20.68
CA LEU B 124 -38.43 11.34 -21.62
C LEU B 124 -39.24 11.54 -22.91
N ASP B 125 -40.42 12.16 -22.83
CA ASP B 125 -41.35 12.40 -23.97
C ASP B 125 -41.15 13.80 -24.55
N LYS B 126 -40.37 14.67 -23.90
CA LYS B 126 -40.23 16.10 -24.29
C LYS B 126 -39.34 16.22 -25.54
N ASP B 127 -39.56 17.28 -26.30
CA ASP B 127 -38.98 17.48 -27.65
C ASP B 127 -37.64 18.22 -27.52
N PRO B 128 -36.51 17.58 -27.94
CA PRO B 128 -35.20 18.23 -27.92
C PRO B 128 -35.10 19.52 -28.76
N GLU B 129 -35.94 19.63 -29.80
CA GLU B 129 -35.95 20.78 -30.74
C GLU B 129 -36.52 22.02 -30.04
N ASP B 130 -37.33 21.84 -28.99
CA ASP B 130 -38.03 22.92 -28.27
C ASP B 130 -37.05 23.55 -27.26
N HIS B 131 -36.71 24.82 -27.42
CA HIS B 131 -35.77 25.54 -26.53
C HIS B 131 -36.28 25.59 -25.08
N ARG B 132 -37.59 25.50 -24.85
CA ARG B 132 -38.15 25.46 -23.47
C ARG B 132 -37.75 24.13 -22.80
N THR B 133 -37.75 23.02 -23.53
CA THR B 133 -37.31 21.70 -23.00
C THR B 133 -35.89 21.83 -22.46
N LEU B 134 -34.98 22.40 -23.27
CA LEU B 134 -33.53 22.47 -22.95
C LEU B 134 -33.34 23.36 -21.73
N SER B 135 -34.13 24.43 -21.65
CA SER B 135 -34.02 25.42 -20.55
C SER B 135 -34.54 24.78 -19.27
N GLN B 136 -35.66 24.06 -19.36
CA GLN B 136 -36.27 23.37 -18.21
C GLN B 136 -35.29 22.29 -17.72
N PHE B 137 -34.60 21.63 -18.65
CA PHE B 137 -33.68 20.51 -18.31
C PHE B 137 -32.54 21.05 -17.45
N THR B 138 -31.91 22.12 -17.90
CA THR B 138 -30.82 22.80 -17.15
C THR B 138 -31.33 23.17 -15.75
N ASP B 139 -32.51 23.78 -15.66
CA ASP B 139 -33.08 24.21 -14.36
C ASP B 139 -33.26 23.01 -13.45
N ALA B 140 -33.74 21.89 -14.00
CA ALA B 140 -33.96 20.61 -13.29
C ALA B 140 -32.61 20.04 -12.80
N LEU B 141 -31.54 20.10 -13.59
CA LEU B 141 -30.21 19.59 -13.16
C LEU B 141 -29.69 20.47 -12.02
N VAL B 142 -29.91 21.79 -12.05
CA VAL B 142 -29.47 22.69 -10.95
C VAL B 142 -30.22 22.30 -9.67
N THR B 143 -31.53 22.05 -9.77
CA THR B 143 -32.40 21.61 -8.66
C THR B 143 -31.85 20.29 -8.09
N ILE B 144 -31.53 19.32 -8.94
CA ILE B 144 -31.03 17.99 -8.48
C ILE B 144 -29.70 18.22 -7.75
N ARG B 145 -28.79 18.99 -8.33
CA ARG B 145 -27.46 19.21 -7.73
C ARG B 145 -27.65 19.80 -6.34
N ASN B 146 -28.52 20.81 -6.20
CA ASN B 146 -28.79 21.54 -4.93
C ASN B 146 -29.46 20.59 -3.93
N ARG B 147 -30.40 19.79 -4.37
CA ARG B 147 -31.13 18.84 -3.48
C ARG B 147 -30.13 17.89 -2.81
N HIS B 148 -29.09 17.50 -3.55
CA HIS B 148 -28.08 16.50 -3.09
C HIS B 148 -26.85 17.16 -2.44
N ASN B 149 -26.86 18.46 -2.17
CA ASN B 149 -25.63 19.13 -1.67
C ASN B 149 -25.11 18.44 -0.40
N ASP B 150 -25.98 17.95 0.50
CA ASP B 150 -25.53 17.49 1.85
C ASP B 150 -25.57 15.94 1.94
N VAL B 151 -25.54 15.25 0.81
CA VAL B 151 -25.59 13.76 0.79
C VAL B 151 -24.47 13.23 1.69
N VAL B 152 -23.24 13.74 1.57
CA VAL B 152 -22.07 13.10 2.25
C VAL B 152 -22.27 13.12 3.77
N PRO B 153 -22.41 14.30 4.43
CA PRO B 153 -22.71 14.32 5.87
C PRO B 153 -24.01 13.64 6.33
N THR B 154 -25.06 13.64 5.48
CA THR B 154 -26.35 12.98 5.79
C THR B 154 -26.16 11.46 5.81
N MET B 155 -25.49 10.91 4.80
CA MET B 155 -25.18 9.47 4.76
C MET B 155 -24.32 9.15 5.99
N ALA B 156 -23.40 10.05 6.40
CA ALA B 156 -22.52 9.81 7.57
C ALA B 156 -23.40 9.73 8.83
N GLN B 157 -24.40 10.59 8.91
CA GLN B 157 -25.35 10.66 10.05
C GLN B 157 -26.09 9.31 10.18
N GLY B 158 -26.49 8.69 9.05
CA GLY B 158 -27.20 7.40 9.02
C GLY B 158 -26.33 6.29 9.59
N VAL B 159 -25.06 6.28 9.24
CA VAL B 159 -24.09 5.32 9.85
C VAL B 159 -24.04 5.53 11.38
N LEU B 160 -24.03 6.78 11.90
CA LEU B 160 -24.06 7.03 13.37
C LEU B 160 -25.40 6.61 13.96
N GLU B 161 -26.51 6.79 13.25
CA GLU B 161 -27.87 6.41 13.75
C GLU B 161 -27.90 4.88 13.92
N TYR B 162 -27.24 4.16 13.03
CA TYR B 162 -27.12 2.69 13.13
C TYR B 162 -26.37 2.33 14.44
N LYS B 163 -25.26 2.99 14.79
CA LYS B 163 -24.53 2.74 16.08
C LYS B 163 -25.35 3.14 17.32
N ASP B 164 -26.05 4.27 17.28
CA ASP B 164 -26.87 4.72 18.44
C ASP B 164 -27.99 3.71 18.77
N THR B 165 -28.34 2.80 17.85
CA THR B 165 -29.50 1.88 17.99
C THR B 165 -29.06 0.42 18.26
N TYR B 166 -27.89 0.01 17.74
CA TYR B 166 -27.38 -1.38 17.79
C TYR B 166 -26.20 -1.44 18.77
N GLY B 167 -25.54 -0.30 18.99
CA GLY B 167 -24.53 -0.08 20.04
C GLY B 167 -23.21 -0.77 19.76
N ASP B 168 -22.80 -0.85 18.48
CA ASP B 168 -21.80 -1.84 18.00
C ASP B 168 -20.99 -1.31 16.81
N ASP B 169 -19.68 -1.55 16.86
CA ASP B 169 -18.68 -1.21 15.80
C ASP B 169 -17.92 -2.47 15.40
N PRO B 170 -18.62 -3.54 14.93
CA PRO B 170 -17.97 -4.84 14.65
C PRO B 170 -17.35 -5.00 13.24
N VAL B 171 -17.71 -6.08 12.52
CA VAL B 171 -17.03 -6.54 11.27
C VAL B 171 -17.91 -6.23 10.05
N SER B 172 -19.05 -5.56 10.27
CA SER B 172 -19.98 -5.02 9.23
C SER B 172 -19.43 -3.69 8.68
N ASN B 173 -18.43 -3.12 9.36
CA ASN B 173 -17.64 -1.94 8.94
C ASN B 173 -17.02 -2.15 7.55
N GLN B 174 -16.53 -3.36 7.26
CA GLN B 174 -15.94 -3.71 5.93
C GLN B 174 -17.04 -3.61 4.86
N ASN B 175 -18.25 -4.05 5.16
CA ASN B 175 -19.39 -3.99 4.21
C ASN B 175 -19.74 -2.52 3.99
N ILE B 176 -19.83 -1.73 5.05
CA ILE B 176 -20.21 -0.30 4.97
C ILE B 176 -19.10 0.44 4.19
N GLN B 177 -17.82 0.28 4.55
CA GLN B 177 -16.63 0.80 3.81
C GLN B 177 -16.79 0.56 2.31
N TYR B 178 -17.07 -0.70 1.93
CA TYR B 178 -17.16 -1.18 0.53
C TYR B 178 -18.30 -0.43 -0.18
N PHE B 179 -19.46 -0.38 0.46
CA PHE B 179 -20.68 0.28 -0.08
C PHE B 179 -20.45 1.79 -0.18
N LEU B 180 -19.90 2.42 0.86
CA LEU B 180 -19.80 3.90 0.85
C LEU B 180 -18.79 4.32 -0.23
N ASP B 181 -17.69 3.60 -0.43
CA ASP B 181 -16.75 3.89 -1.52
C ASP B 181 -17.53 3.90 -2.84
N ARG B 182 -18.34 2.87 -3.08
CA ARG B 182 -19.04 2.70 -4.36
C ARG B 182 -20.10 3.80 -4.49
N PHE B 183 -20.79 4.09 -3.40
CA PHE B 183 -21.87 5.09 -3.36
C PHE B 183 -21.29 6.49 -3.67
N TYR B 184 -20.25 6.89 -2.94
CA TYR B 184 -19.72 8.28 -3.05
C TYR B 184 -19.02 8.47 -4.39
N LEU B 185 -18.38 7.43 -4.95
CA LEU B 185 -17.73 7.54 -6.28
C LEU B 185 -18.80 7.69 -7.36
N SER B 186 -19.86 6.88 -7.30
CA SER B 186 -20.99 6.99 -8.25
C SER B 186 -21.54 8.42 -8.21
N ARG B 187 -21.66 8.98 -7.03
CA ARG B 187 -22.16 10.34 -6.84
C ARG B 187 -21.19 11.37 -7.46
N ILE B 188 -19.88 11.21 -7.28
CA ILE B 188 -18.88 12.12 -7.91
C ILE B 188 -19.15 12.14 -9.42
N SER B 189 -19.39 10.96 -10.00
CA SER B 189 -19.62 10.78 -11.46
C SER B 189 -20.90 11.49 -11.89
N ILE B 190 -21.97 11.47 -11.08
CA ILE B 190 -23.27 12.10 -11.47
C ILE B 190 -23.07 13.60 -11.42
N ARG B 191 -22.41 14.10 -10.37
CA ARG B 191 -22.22 15.58 -10.23
C ARG B 191 -21.29 16.08 -11.34
N MET B 192 -20.31 15.28 -11.76
CA MET B 192 -19.42 15.65 -12.89
C MET B 192 -20.28 15.88 -14.16
N LEU B 193 -21.18 14.94 -14.50
CA LEU B 193 -22.02 15.08 -15.71
C LEU B 193 -22.93 16.33 -15.58
N ILE B 194 -23.51 16.56 -14.42
CA ILE B 194 -24.44 17.70 -14.20
C ILE B 194 -23.64 19.02 -14.30
N ASN B 195 -22.46 19.07 -13.69
CA ASN B 195 -21.60 20.28 -13.73
C ASN B 195 -21.24 20.59 -15.17
N GLN B 196 -20.90 19.58 -15.97
CA GLN B 196 -20.48 19.81 -17.38
C GLN B 196 -21.64 20.49 -18.11
N HIS B 197 -22.85 19.95 -17.99
CA HIS B 197 -24.02 20.48 -18.73
C HIS B 197 -24.31 21.92 -18.31
N THR B 198 -24.39 22.20 -17.01
CA THR B 198 -24.89 23.50 -16.47
C THR B 198 -23.81 24.56 -16.71
N LEU B 199 -22.52 24.22 -16.56
CA LEU B 199 -21.44 25.19 -16.85
C LEU B 199 -21.38 25.50 -18.35
N ILE B 200 -21.53 24.52 -19.23
CA ILE B 200 -21.35 24.73 -20.69
C ILE B 200 -22.59 25.44 -21.25
N PHE B 201 -23.80 25.04 -20.87
CA PHE B 201 -25.04 25.46 -21.57
C PHE B 201 -25.87 26.46 -20.76
N ASP B 202 -25.44 26.92 -19.58
CA ASP B 202 -26.02 28.14 -18.96
C ASP B 202 -24.94 29.22 -18.93
N HIS B 209 -12.17 30.32 -13.99
CA HIS B 209 -11.76 31.20 -15.12
C HIS B 209 -12.58 30.89 -16.37
N PRO B 210 -12.41 31.63 -17.49
CA PRO B 210 -13.28 31.49 -18.66
C PRO B 210 -12.87 30.52 -19.78
N LYS B 211 -11.63 30.03 -19.78
CA LYS B 211 -11.08 29.17 -20.88
C LYS B 211 -11.25 27.68 -20.55
N HIS B 212 -12.01 27.37 -19.49
CA HIS B 212 -12.38 26.00 -19.07
C HIS B 212 -13.41 25.40 -20.03
N ILE B 213 -13.44 24.09 -20.16
CA ILE B 213 -14.56 23.35 -20.81
C ILE B 213 -15.45 22.76 -19.71
N GLY B 214 -16.54 23.44 -19.36
CA GLY B 214 -17.29 23.21 -18.12
C GLY B 214 -16.34 23.31 -16.91
N SER B 215 -16.17 22.24 -16.13
CA SER B 215 -15.33 22.20 -14.91
C SER B 215 -13.91 21.72 -15.27
N ILE B 216 -13.65 21.41 -16.52
CA ILE B 216 -12.30 20.93 -16.96
C ILE B 216 -11.43 22.10 -17.42
N ASP B 217 -10.20 22.16 -16.91
CA ASP B 217 -9.15 23.06 -17.41
C ASP B 217 -8.19 22.20 -18.21
N PRO B 218 -8.15 22.39 -19.55
CA PRO B 218 -7.25 21.63 -20.40
C PRO B 218 -5.77 22.00 -20.21
N ASN B 219 -5.50 23.11 -19.52
CA ASN B 219 -4.14 23.61 -19.27
C ASN B 219 -3.99 23.81 -17.76
N CYS B 220 -4.46 22.85 -16.97
CA CYS B 220 -4.48 22.95 -15.50
C CYS B 220 -3.04 23.00 -15.02
N ASN B 221 -2.62 24.15 -14.50
CA ASN B 221 -1.29 24.33 -13.90
C ASN B 221 -1.35 23.74 -12.50
N VAL B 222 -0.68 22.60 -12.27
CA VAL B 222 -0.86 21.82 -11.02
C VAL B 222 -0.36 22.63 -9.81
N SER B 223 0.81 23.26 -9.91
CA SER B 223 1.39 24.13 -8.85
C SER B 223 0.42 25.24 -8.41
N GLU B 224 -0.25 25.87 -9.35
CA GLU B 224 -1.27 26.89 -9.03
C GLU B 224 -2.36 26.29 -8.14
N VAL B 225 -2.83 25.08 -8.41
CA VAL B 225 -3.93 24.47 -7.60
C VAL B 225 -3.36 24.15 -6.21
N VAL B 226 -2.13 23.66 -6.14
CA VAL B 226 -1.40 23.39 -4.88
C VAL B 226 -1.42 24.69 -4.05
N LYS B 227 -1.02 25.81 -4.63
CA LYS B 227 -0.93 27.12 -3.90
C LYS B 227 -2.32 27.53 -3.42
N ASP B 228 -3.34 27.35 -4.24
CA ASP B 228 -4.73 27.75 -3.90
C ASP B 228 -5.20 26.95 -2.67
N ALA B 229 -5.01 25.61 -2.69
CA ALA B 229 -5.38 24.72 -1.60
C ALA B 229 -4.63 25.16 -0.33
N TYR B 230 -3.33 25.36 -0.44
CA TYR B 230 -2.47 25.82 0.69
C TYR B 230 -3.00 27.14 1.25
N ASP B 231 -3.28 28.13 0.40
CA ASP B 231 -3.74 29.47 0.88
C ASP B 231 -4.99 29.30 1.72
N MET B 232 -5.95 28.51 1.25
CA MET B 232 -7.22 28.33 1.98
C MET B 232 -7.02 27.55 3.29
N ALA B 233 -6.18 26.50 3.31
CA ALA B 233 -5.85 25.72 4.53
C ALA B 233 -5.16 26.66 5.55
N LYS B 234 -4.26 27.49 5.07
CA LYS B 234 -3.45 28.43 5.87
C LYS B 234 -4.36 29.45 6.56
N LEU B 235 -5.41 29.93 5.88
CA LEU B 235 -6.43 30.84 6.51
C LEU B 235 -7.04 30.14 7.73
N LEU B 236 -7.44 28.88 7.61
CA LEU B 236 -8.05 28.13 8.73
C LEU B 236 -7.02 27.91 9.84
N CYS B 237 -5.79 27.56 9.47
CA CYS B 237 -4.70 27.21 10.43
C CYS B 237 -4.33 28.47 11.24
N ASP B 238 -4.06 29.58 10.57
CA ASP B 238 -3.77 30.90 11.20
C ASP B 238 -4.92 31.35 12.12
N LYS B 239 -6.17 31.21 11.69
CA LYS B 239 -7.34 31.66 12.49
C LYS B 239 -7.37 30.93 13.84
N TYR B 240 -7.11 29.62 13.86
CA TYR B 240 -7.25 28.80 15.08
C TYR B 240 -5.93 28.73 15.87
N TYR B 241 -4.77 28.59 15.22
CA TYR B 241 -3.50 28.30 15.92
C TYR B 241 -2.62 29.56 16.00
N MET B 242 -2.91 30.58 15.20
CA MET B 242 -2.10 31.83 15.09
C MET B 242 -0.69 31.50 14.59
N ALA B 243 -0.52 30.34 13.95
CA ALA B 243 0.74 29.97 13.28
C ALA B 243 0.43 28.92 12.20
N SER B 244 1.26 28.86 11.16
CA SER B 244 1.08 27.89 10.05
C SER B 244 2.45 27.62 9.47
N PRO B 245 2.71 26.39 8.99
CA PRO B 245 3.94 26.15 8.26
C PRO B 245 3.90 26.83 6.88
N ASP B 246 5.07 27.23 6.38
CA ASP B 246 5.31 27.68 5.00
C ASP B 246 5.14 26.49 4.02
N LEU B 247 5.04 26.80 2.75
CA LEU B 247 4.95 25.84 1.62
C LEU B 247 6.21 25.94 0.77
N GLU B 248 6.84 24.83 0.43
CA GLU B 248 7.89 24.74 -0.63
C GLU B 248 7.32 23.82 -1.71
N ILE B 249 7.39 24.22 -2.97
CA ILE B 249 6.97 23.39 -4.15
C ILE B 249 8.22 23.14 -5.00
N GLN B 250 8.48 21.89 -5.35
CA GLN B 250 9.52 21.55 -6.34
C GLN B 250 8.82 20.83 -7.50
N GLU B 251 9.13 21.18 -8.73
CA GLU B 251 8.60 20.52 -9.95
C GLU B 251 9.73 19.74 -10.61
N ILE B 252 9.45 18.50 -11.00
CA ILE B 252 10.37 17.64 -11.79
C ILE B 252 9.63 17.27 -13.07
N ASN B 253 9.94 17.95 -14.16
CA ASN B 253 9.36 17.66 -15.50
C ASN B 253 10.43 16.85 -16.20
N ALA B 254 10.33 15.51 -16.12
CA ALA B 254 11.43 14.59 -16.49
C ALA B 254 11.79 14.84 -17.97
N ALA B 255 10.82 14.91 -18.87
CA ALA B 255 11.02 15.02 -20.34
C ALA B 255 11.35 16.45 -20.77
N ASN B 256 11.01 17.48 -19.97
CA ASN B 256 11.13 18.91 -20.33
C ASN B 256 11.46 19.74 -19.07
N SER B 257 12.71 19.66 -18.63
CA SER B 257 13.24 20.12 -17.31
C SER B 257 12.77 21.55 -16.97
N LYS B 258 12.68 22.46 -17.94
CA LYS B 258 12.43 23.90 -17.64
C LYS B 258 10.94 24.23 -17.76
N GLN B 259 10.08 23.27 -18.13
CA GLN B 259 8.66 23.54 -18.51
C GLN B 259 7.75 23.45 -17.28
N PRO B 260 6.85 24.44 -17.03
CA PRO B 260 5.82 24.31 -16.00
C PRO B 260 4.91 23.11 -16.26
N ILE B 261 4.51 22.40 -15.21
CA ILE B 261 3.74 21.13 -15.36
C ILE B 261 2.25 21.47 -15.49
N HIS B 262 1.65 21.07 -16.60
CA HIS B 262 0.23 21.29 -16.98
C HIS B 262 -0.37 19.92 -17.26
N MET B 263 -1.66 19.76 -17.09
CA MET B 263 -2.38 18.54 -17.52
C MET B 263 -3.81 18.94 -17.83
N VAL B 264 -4.55 18.03 -18.43
CA VAL B 264 -6.02 18.15 -18.57
C VAL B 264 -6.63 17.62 -17.26
N TYR B 265 -7.33 18.44 -16.48
CA TYR B 265 -7.92 17.93 -15.22
C TYR B 265 -9.06 18.82 -14.77
N VAL B 266 -9.82 18.33 -13.81
CA VAL B 266 -10.91 19.08 -13.13
C VAL B 266 -10.29 19.74 -11.91
N PRO B 267 -9.96 21.04 -11.96
CA PRO B 267 -9.24 21.71 -10.87
C PRO B 267 -9.93 21.58 -9.50
N SER B 268 -11.25 21.67 -9.46
CA SER B 268 -12.00 21.55 -8.19
C SER B 268 -11.77 20.17 -7.54
N HIS B 269 -11.60 19.10 -8.32
CA HIS B 269 -11.29 17.74 -7.78
C HIS B 269 -9.88 17.74 -7.19
N LEU B 270 -8.91 18.30 -7.90
CA LEU B 270 -7.51 18.37 -7.42
C LEU B 270 -7.47 19.25 -6.16
N TYR B 271 -8.11 20.41 -6.18
CA TYR B 271 -8.22 21.33 -5.01
C TYR B 271 -8.76 20.57 -3.78
N HIS B 272 -9.89 19.86 -3.91
CA HIS B 272 -10.53 19.05 -2.84
C HIS B 272 -9.48 18.14 -2.19
N MET B 273 -8.79 17.34 -3.00
CA MET B 273 -7.77 16.40 -2.47
C MET B 273 -6.69 17.17 -1.72
N LEU B 274 -6.13 18.21 -2.34
CA LEU B 274 -4.96 18.92 -1.77
C LEU B 274 -5.38 19.70 -0.53
N PHE B 275 -6.57 20.27 -0.51
CA PHE B 275 -7.09 21.04 0.64
C PHE B 275 -7.20 20.10 1.85
N GLU B 276 -7.77 18.90 1.67
CA GLU B 276 -7.93 17.90 2.73
C GLU B 276 -6.54 17.45 3.24
N LEU B 277 -5.58 17.25 2.32
CA LEU B 277 -4.23 16.81 2.72
C LEU B 277 -3.50 17.96 3.45
N PHE B 278 -3.65 19.20 2.98
CA PHE B 278 -3.03 20.37 3.68
C PHE B 278 -3.61 20.52 5.09
N LYS B 279 -4.92 20.36 5.29
CA LYS B 279 -5.49 20.48 6.65
C LYS B 279 -4.81 19.45 7.58
N ASN B 280 -4.65 18.21 7.13
CA ASN B 280 -3.99 17.14 7.89
C ASN B 280 -2.53 17.52 8.19
N ALA B 281 -1.77 17.94 7.18
CA ALA B 281 -0.32 18.20 7.31
C ALA B 281 -0.12 19.41 8.24
N MET B 282 -0.96 20.41 8.11
CA MET B 282 -0.83 21.64 8.95
C MET B 282 -1.21 21.31 10.39
N ARG B 283 -2.28 20.53 10.61
CA ARG B 283 -2.69 20.17 11.99
C ARG B 283 -1.56 19.36 12.63
N ALA B 284 -1.08 18.35 11.92
CA ALA B 284 -0.02 17.46 12.47
C ALA B 284 1.19 18.33 12.83
N THR B 285 1.55 19.27 11.95
CA THR B 285 2.77 20.10 12.14
C THR B 285 2.59 21.02 13.36
N VAL B 286 1.48 21.73 13.45
CA VAL B 286 1.28 22.72 14.55
C VAL B 286 1.12 21.99 15.89
N GLU B 287 0.37 20.88 15.93
CA GLU B 287 0.05 20.16 17.19
C GLU B 287 1.26 19.37 17.69
N SER B 288 2.27 19.13 16.85
CA SER B 288 3.52 18.44 17.27
C SER B 288 4.61 19.47 17.60
N HIS B 289 4.35 20.76 17.39
CA HIS B 289 5.32 21.86 17.63
C HIS B 289 4.64 23.00 18.40
N GLU B 290 3.82 22.65 19.40
CA GLU B 290 2.89 23.58 20.11
C GLU B 290 3.68 24.67 20.86
N SER B 291 4.97 24.46 21.13
CA SER B 291 5.82 25.42 21.91
C SER B 291 6.93 26.00 21.03
N SER B 292 7.02 25.63 19.74
CA SER B 292 8.11 26.06 18.81
C SER B 292 7.76 27.38 18.13
N LEU B 293 8.74 28.26 17.99
CA LEU B 293 8.58 29.48 17.17
C LEU B 293 8.73 29.12 15.69
N ILE B 294 9.53 28.11 15.42
CA ILE B 294 9.91 27.65 14.06
C ILE B 294 9.15 26.36 13.79
N LEU B 295 8.33 26.38 12.75
CA LEU B 295 7.62 25.20 12.22
C LEU B 295 8.35 24.72 10.98
N PRO B 296 8.50 23.39 10.81
CA PRO B 296 9.04 22.88 9.56
C PRO B 296 8.02 23.11 8.45
N PRO B 297 8.49 23.40 7.22
CA PRO B 297 7.58 23.74 6.12
C PRO B 297 6.86 22.47 5.63
N ILE B 298 5.76 22.62 4.92
CA ILE B 298 5.18 21.49 4.12
C ILE B 298 5.84 21.52 2.74
N LYS B 299 6.42 20.39 2.32
CA LYS B 299 7.14 20.30 1.04
C LYS B 299 6.26 19.55 0.04
N VAL B 300 6.00 20.14 -1.12
CA VAL B 300 5.23 19.46 -2.18
C VAL B 300 6.16 19.28 -3.37
N MET B 301 6.25 18.04 -3.86
CA MET B 301 6.91 17.74 -5.14
C MET B 301 5.86 17.39 -6.19
N VAL B 302 5.93 18.05 -7.34
CA VAL B 302 5.09 17.70 -8.52
C VAL B 302 6.01 17.05 -9.56
N ALA B 303 5.81 15.77 -9.86
CA ALA B 303 6.66 15.04 -10.81
C ALA B 303 5.83 14.63 -12.03
N LEU B 304 6.34 14.86 -13.24
CA LEU B 304 5.66 14.43 -14.50
C LEU B 304 6.55 13.40 -15.16
N GLY B 305 6.09 12.14 -15.19
CA GLY B 305 6.73 11.08 -15.99
C GLY B 305 5.97 10.83 -17.28
N GLU B 306 6.30 9.73 -17.93
CA GLU B 306 5.65 9.31 -19.21
C GLU B 306 4.18 8.99 -18.97
N GLU B 307 3.82 8.39 -17.84
CA GLU B 307 2.46 7.88 -17.59
C GLU B 307 1.83 8.59 -16.38
N ASP B 308 2.63 8.90 -15.37
CA ASP B 308 2.12 9.41 -14.07
C ASP B 308 2.47 10.89 -13.91
N LEU B 309 1.50 11.64 -13.42
CA LEU B 309 1.75 12.94 -12.75
C LEU B 309 1.55 12.71 -11.24
N SER B 310 2.62 12.78 -10.46
CA SER B 310 2.61 12.47 -9.02
C SER B 310 2.80 13.76 -8.22
N ILE B 311 2.01 13.89 -7.16
CA ILE B 311 2.11 15.06 -6.24
C ILE B 311 2.35 14.51 -4.85
N LYS B 312 3.51 14.76 -4.28
CA LYS B 312 3.81 14.25 -2.93
C LYS B 312 3.79 15.41 -1.96
N MET B 313 3.02 15.29 -0.88
CA MET B 313 3.00 16.30 0.20
C MET B 313 3.68 15.71 1.45
N SER B 314 4.81 16.29 1.86
CA SER B 314 5.67 15.80 2.96
C SER B 314 5.59 16.78 4.13
N ASP B 315 5.18 16.30 5.31
CA ASP B 315 5.15 17.11 6.55
C ASP B 315 6.14 16.51 7.53
N ARG B 316 6.57 17.29 8.52
CA ARG B 316 7.32 16.79 9.68
C ARG B 316 6.44 16.91 10.94
N GLY B 317 5.21 16.38 10.88
CA GLY B 317 4.23 16.45 11.98
C GLY B 317 4.30 15.26 12.95
N GLY B 318 5.40 14.50 12.98
CA GLY B 318 5.57 13.45 13.98
C GLY B 318 5.10 12.09 13.49
N GLY B 319 4.35 12.02 12.40
CA GLY B 319 3.99 10.74 11.75
C GLY B 319 3.00 9.92 12.56
N VAL B 320 2.71 8.73 12.06
CA VAL B 320 1.66 7.81 12.58
C VAL B 320 2.26 6.40 12.52
N PRO B 321 2.08 5.54 13.53
CA PRO B 321 2.51 4.15 13.42
C PRO B 321 1.80 3.46 12.25
N LEU B 322 2.47 2.50 11.61
CA LEU B 322 1.94 1.79 10.41
C LEU B 322 0.56 1.18 10.73
N ARG B 323 0.34 0.74 11.97
CA ARG B 323 -0.92 0.10 12.45
C ARG B 323 -2.12 1.03 12.24
N LYS B 324 -1.89 2.33 12.27
CA LYS B 324 -2.96 3.36 12.26
C LYS B 324 -3.26 3.84 10.82
N ILE B 325 -2.46 3.49 9.81
CA ILE B 325 -2.64 3.99 8.42
C ILE B 325 -3.98 3.49 7.83
N GLU B 326 -4.25 2.18 7.83
CA GLU B 326 -5.43 1.60 7.12
C GLU B 326 -6.70 2.29 7.65
N ARG B 327 -6.70 2.55 8.96
CA ARG B 327 -7.75 3.23 9.76
C ARG B 327 -7.98 4.67 9.25
N LEU B 328 -6.92 5.35 8.85
CA LEU B 328 -7.08 6.76 8.39
C LEU B 328 -7.97 6.78 7.13
N PHE B 329 -8.03 5.68 6.40
CA PHE B 329 -8.82 5.55 5.13
C PHE B 329 -10.20 4.98 5.42
N SER B 330 -10.53 4.76 6.69
CA SER B 330 -11.87 4.30 7.14
C SER B 330 -12.80 5.52 7.30
N TYR B 331 -14.05 5.39 6.88
CA TYR B 331 -15.08 6.44 7.11
C TYR B 331 -15.31 6.59 8.62
N MET B 332 -15.18 7.84 9.09
CA MET B 332 -15.48 8.36 10.44
C MET B 332 -14.39 8.01 11.47
N TYR B 333 -13.24 7.43 11.07
CA TYR B 333 -12.07 7.34 11.98
C TYR B 333 -11.32 8.68 11.96
N SER B 334 -11.03 9.21 13.14
CA SER B 334 -10.43 10.55 13.39
C SER B 334 -9.38 10.43 14.49
N THR B 335 -8.17 10.96 14.27
CA THR B 335 -7.08 11.11 15.27
C THR B 335 -7.39 12.27 16.23
N ALA B 336 -8.38 13.12 15.91
CA ALA B 336 -8.84 14.27 16.73
C ALA B 336 -9.72 13.78 17.87
N GLY B 345 -13.46 24.21 18.66
CA GLY B 345 -13.01 23.00 17.94
C GLY B 345 -12.15 23.36 16.74
N THR B 346 -11.07 22.62 16.51
CA THR B 346 -10.09 22.94 15.45
C THR B 346 -10.81 22.85 14.10
N PRO B 347 -10.72 23.89 13.23
CA PRO B 347 -11.29 23.78 11.89
C PRO B 347 -10.48 22.81 11.01
N LEU B 348 -9.27 22.40 11.41
CA LEU B 348 -8.45 21.49 10.58
C LEU B 348 -8.91 20.02 10.69
N ALA B 349 -9.79 19.69 11.64
CA ALA B 349 -10.35 18.32 11.79
C ALA B 349 -11.80 18.31 11.32
N GLY B 350 -12.23 17.24 10.64
CA GLY B 350 -13.60 17.11 10.08
C GLY B 350 -14.40 16.07 10.84
N PHE B 351 -15.03 15.15 10.13
CA PHE B 351 -15.81 14.00 10.69
C PHE B 351 -15.22 12.69 10.13
N GLY B 352 -13.92 12.72 9.80
CA GLY B 352 -13.13 11.57 9.31
C GLY B 352 -13.49 11.16 7.88
N TYR B 353 -13.82 12.11 7.00
CA TYR B 353 -14.21 11.79 5.59
C TYR B 353 -13.18 12.32 4.59
N GLY B 354 -12.20 13.08 5.04
CA GLY B 354 -11.26 13.78 4.14
C GLY B 354 -10.47 12.82 3.28
N LEU B 355 -9.78 11.86 3.90
CA LEU B 355 -8.86 10.95 3.19
C LEU B 355 -9.65 9.97 2.31
N PRO B 356 -10.68 9.23 2.82
CA PRO B 356 -11.39 8.29 1.94
C PRO B 356 -12.11 8.96 0.73
N ILE B 357 -12.74 10.11 0.92
CA ILE B 357 -13.36 10.86 -0.21
C ILE B 357 -12.26 11.35 -1.17
N SER B 358 -11.19 11.96 -0.65
CA SER B 358 -10.07 12.44 -1.47
C SER B 358 -9.54 11.29 -2.33
N ARG B 359 -9.41 10.10 -1.77
CA ARG B 359 -8.94 8.93 -2.54
C ARG B 359 -9.93 8.58 -3.65
N LEU B 360 -11.25 8.78 -3.44
CA LEU B 360 -12.24 8.50 -4.50
C LEU B 360 -12.05 9.48 -5.65
N TYR B 361 -11.82 10.77 -5.37
CA TYR B 361 -11.57 11.79 -6.40
C TYR B 361 -10.34 11.36 -7.22
N ALA B 362 -9.29 10.86 -6.56
CA ALA B 362 -8.09 10.40 -7.27
C ALA B 362 -8.43 9.20 -8.15
N LYS B 363 -9.22 8.26 -7.64
CA LYS B 363 -9.52 7.01 -8.40
C LYS B 363 -10.42 7.31 -9.60
N TYR B 364 -11.20 8.40 -9.55
CA TYR B 364 -12.28 8.69 -10.52
C TYR B 364 -11.73 8.76 -11.94
N PHE B 365 -10.59 9.38 -12.19
CA PHE B 365 -9.92 9.39 -13.52
C PHE B 365 -8.68 8.49 -13.54
N GLN B 366 -8.76 7.35 -12.86
CA GLN B 366 -7.77 6.24 -12.96
C GLN B 366 -6.51 6.59 -12.17
N GLY B 367 -6.59 7.48 -11.17
CA GLY B 367 -5.48 7.78 -10.25
C GLY B 367 -5.57 6.99 -8.94
N ASP B 368 -4.91 7.48 -7.91
CA ASP B 368 -4.86 6.85 -6.57
C ASP B 368 -4.32 7.86 -5.58
N LEU B 369 -4.47 7.57 -4.30
CA LEU B 369 -3.92 8.43 -3.23
C LEU B 369 -3.40 7.51 -2.14
N GLN B 370 -2.11 7.59 -1.87
CA GLN B 370 -1.44 6.75 -0.86
C GLN B 370 -0.84 7.62 0.26
N LEU B 371 -0.78 7.04 1.45
CA LEU B 371 -0.16 7.66 2.64
C LEU B 371 0.98 6.73 3.11
N PHE B 372 2.14 7.26 3.41
CA PHE B 372 3.30 6.52 3.97
C PHE B 372 3.90 7.41 5.06
N SER B 373 3.98 6.89 6.26
CA SER B 373 4.45 7.70 7.41
C SER B 373 5.71 7.08 7.99
N MET B 374 6.43 7.87 8.75
CA MET B 374 7.55 7.37 9.57
C MET B 374 7.34 7.90 10.98
N GLU B 375 6.85 7.04 11.86
CA GLU B 375 6.52 7.41 13.24
C GLU B 375 7.72 8.13 13.86
N GLY B 376 7.50 9.33 14.37
CA GLY B 376 8.53 10.14 15.06
C GLY B 376 9.16 11.15 14.15
N PHE B 377 8.90 11.10 12.83
CA PHE B 377 9.41 12.10 11.86
C PHE B 377 8.21 12.82 11.22
N GLY B 378 7.39 12.09 10.45
CA GLY B 378 6.42 12.75 9.57
C GLY B 378 5.80 11.83 8.54
N THR B 379 5.02 12.42 7.64
CA THR B 379 4.13 11.68 6.69
C THR B 379 4.35 12.22 5.28
N ASP B 380 4.32 11.29 4.31
CA ASP B 380 4.22 11.59 2.85
C ASP B 380 2.84 11.14 2.38
N ALA B 381 2.12 12.02 1.72
CA ALA B 381 0.86 11.70 1.04
C ALA B 381 1.13 11.91 -0.45
N VAL B 382 0.80 10.93 -1.27
CA VAL B 382 1.03 11.01 -2.73
C VAL B 382 -0.32 10.86 -3.44
N ILE B 383 -0.64 11.84 -4.26
CA ILE B 383 -1.68 11.76 -5.31
C ILE B 383 -1.00 11.33 -6.60
N TYR B 384 -1.51 10.25 -7.16
CA TYR B 384 -1.14 9.73 -8.49
C TYR B 384 -2.27 10.06 -9.45
N LEU B 385 -1.98 10.86 -10.47
CA LEU B 385 -2.89 11.11 -11.62
C LEU B 385 -2.27 10.54 -12.89
N LYS B 386 -3.14 10.23 -13.86
CA LYS B 386 -2.73 9.96 -15.26
C LYS B 386 -2.27 11.28 -15.89
N ALA B 387 -1.03 11.35 -16.34
CA ALA B 387 -0.40 12.48 -17.08
C ALA B 387 -1.16 12.76 -18.38
N LEU B 388 -1.62 11.72 -19.09
CA LEU B 388 -2.17 11.85 -20.48
C LEU B 388 -3.69 11.80 -20.47
N SER B 389 -4.32 12.72 -21.19
CA SER B 389 -5.79 12.78 -21.35
C SER B 389 -6.27 11.43 -21.91
N THR B 390 -5.45 10.77 -22.73
CA THR B 390 -5.86 9.51 -23.39
C THR B 390 -5.86 8.35 -22.39
N ASP B 391 -5.32 8.53 -21.17
CA ASP B 391 -5.36 7.49 -20.09
C ASP B 391 -6.46 7.83 -19.07
N SER B 392 -7.17 8.94 -19.25
CA SER B 392 -8.06 9.54 -18.21
C SER B 392 -9.50 9.23 -18.60
N VAL B 393 -10.06 8.19 -17.98
CA VAL B 393 -11.43 7.67 -18.26
C VAL B 393 -12.11 7.50 -16.91
N GLU B 394 -13.40 7.83 -16.80
CA GLU B 394 -14.15 7.66 -15.56
C GLU B 394 -13.95 6.23 -15.02
N ARG B 395 -13.69 6.09 -13.72
CA ARG B 395 -13.75 4.79 -13.00
C ARG B 395 -15.11 4.73 -12.30
N LEU B 396 -16.04 3.94 -12.83
CA LEU B 396 -17.41 3.84 -12.28
C LEU B 396 -17.56 2.49 -11.59
N PRO B 397 -18.13 2.43 -10.38
CA PRO B 397 -18.36 1.15 -9.71
C PRO B 397 -19.20 0.18 -10.53
N VAL B 398 -18.75 -1.09 -10.55
CA VAL B 398 -19.12 -2.19 -11.48
C VAL B 398 -20.08 -3.17 -10.78
CAC FLC C . 20.21 -14.85 3.74
CA FLC C . 20.25 -16.17 4.51
CB FLC C . 20.04 -17.48 3.71
CBC FLC C . 19.99 -18.64 4.72
CG FLC C . 18.73 -17.44 2.90
CGC FLC C . 18.44 -18.72 2.11
OA1 FLC C . 19.73 -13.86 4.32
OA2 FLC C . 20.69 -14.82 2.59
OB1 FLC C . 18.95 -18.80 5.41
OB2 FLC C . 21.02 -19.34 4.82
OG1 FLC C . 17.62 -18.66 1.18
OG2 FLC C . 19.02 -19.77 2.44
OHB FLC C . 21.09 -17.66 2.77
C1 PEG D . 13.74 -5.19 -10.31
O1 PEG D . 13.67 -5.80 -9.01
C2 PEG D . 13.27 -3.74 -10.28
O2 PEG D . 14.14 -2.89 -9.52
C3 PEG D . 13.46 -1.98 -8.65
C4 PEG D . 13.73 -0.56 -9.04
O4 PEG D . 12.70 0.31 -8.59
C1 GOL E . 26.29 -9.86 8.05
O1 GOL E . 25.43 -10.92 7.61
C2 GOL E . 25.51 -8.67 8.55
O2 GOL E . 25.16 -8.86 9.92
C3 GOL E . 26.24 -7.35 8.41
O3 GOL E . 25.52 -6.28 9.03
S SO4 F . 1.89 -13.73 4.95
O1 SO4 F . 0.56 -13.28 4.61
O2 SO4 F . 2.18 -13.30 6.31
O3 SO4 F . 1.93 -15.17 4.87
O4 SO4 F . 2.85 -13.15 4.04
N1 EGX G . 6.22 -22.59 24.92
N3 EGX G . 2.26 -22.46 23.53
C4 EGX G . 14.15 -21.45 22.25
C5 EGX G . 13.07 -21.92 22.99
C6 EGX G . 11.88 -21.19 23.01
C7 EGX G . 13.21 -23.20 23.71
C8 EGX G . 12.05 -23.67 24.50
C10 EGX G . 10.71 -21.65 23.77
C13 EGX G . 9.89 -24.65 25.97
C15 EGX G . 8.41 -22.83 25.35
C17 EGX G . 7.84 -21.83 26.16
C20 EGX G . 3.13 -21.40 23.03
C21 EGX G . 2.40 -22.68 24.99
C22 EGX G . 3.80 -22.44 25.49
C1 EGX G . 11.79 -19.99 22.32
C2 EGX G . 12.86 -19.54 21.59
C3 EGX G . 14.04 -20.27 21.55
C9 EGX G . 10.80 -22.96 24.50
C11 EGX G . 12.16 -24.86 25.22
C12 EGX G . 11.10 -25.33 25.96
C14 EGX G . 9.73 -23.44 25.29
C16 EGX G . 7.33 -23.35 24.59
N2 EGX G . 6.55 -21.66 25.90
C18 EGX G . 4.83 -22.67 24.39
C19 EGX G . 4.61 -21.69 23.24
O1 EGX G . 9.75 -20.89 23.92
O2 EGX G . 14.22 -23.90 23.60
CAC FLC H . -20.05 17.33 -2.27
CA FLC H . -18.73 17.81 -2.84
CB FLC H . -18.79 19.15 -3.57
CBC FLC H . -19.88 19.10 -4.69
CG FLC H . -17.46 19.49 -4.25
CGC FLC H . -16.22 19.42 -3.36
OA1 FLC H . -21.11 17.82 -2.73
OA2 FLC H . -20.00 16.44 -1.38
OB1 FLC H . -20.68 20.06 -4.72
OB2 FLC H . -19.89 18.12 -5.50
OG1 FLC H . -16.27 19.95 -2.24
OG2 FLC H . -15.21 18.84 -3.80
OHB FLC H . -19.12 20.12 -2.59
C1 PEG I . -9.48 12.14 6.85
O1 PEG I . -8.66 13.30 6.48
C2 PEG I . -9.67 12.10 8.32
O2 PEG I . -8.67 12.96 8.86
C3 PEG I . -7.55 12.23 9.33
C4 PEG I . -7.63 12.20 10.85
O4 PEG I . -6.40 12.57 11.39
C1 PEG J . -13.06 26.20 -5.68
O1 PEG J . -12.54 26.70 -4.44
C2 PEG J . -12.26 25.04 -6.23
O2 PEG J . -11.73 25.36 -7.53
C3 PEG J . -10.58 26.20 -7.52
C4 PEG J . -9.48 25.63 -8.37
O4 PEG J . -8.17 25.84 -7.81
N1 EGX K . -21.04 6.93 -26.30
N3 EGX K . -20.05 2.96 -25.64
C4 EGX K . -20.72 14.54 -22.74
C5 EGX K . -21.06 13.52 -23.63
C6 EGX K . -20.26 12.38 -23.73
C7 EGX K . -22.31 13.66 -24.41
C8 EGX K . -22.68 12.55 -25.33
C10 EGX K . -20.65 11.25 -24.62
C13 EGX K . -23.41 10.54 -27.11
C15 EGX K . -21.54 9.10 -26.46
C17 EGX K . -20.43 8.77 -27.26
C20 EGX K . -20.09 3.77 -24.41
C21 EGX K . -21.27 3.09 -26.48
C22 EGX K . -21.51 4.52 -26.96
C1 EGX K . -19.10 12.29 -22.97
C2 EGX K . -18.75 13.31 -22.10
C3 EGX K . -19.56 14.44 -22.00
C9 EGX K . -21.89 11.38 -25.42
C11 EGX K . -23.81 12.67 -26.12
C12 EGX K . -24.18 11.70 -27.01
C14 EGX K . -22.26 10.37 -26.34
C16 EGX K . -21.93 7.90 -25.85
N2 EGX K . -20.11 7.48 -27.14
C18 EGX K . -20.74 5.49 -26.06
C19 EGX K . -20.88 5.07 -24.61
O1 EGX K . -19.96 10.24 -24.67
O2 EGX K . -23.02 14.64 -24.30
#